data_7KKO
#
_entry.id   7KKO
#
_cell.length_a   79.290
_cell.length_b   90.410
_cell.length_c   199.840
_cell.angle_alpha   90.000
_cell.angle_beta   90.000
_cell.angle_gamma   90.000
#
_symmetry.space_group_name_H-M   'C 2 2 21'
#
loop_
_entity.id
_entity.type
_entity.pdbx_description
1 polymer 'Poly [ADP-ribose] polymerase'
2 non-polymer 'ZINC ION'
3 non-polymer 4-(3-{[4-(cyclopropylcarbonyl)piperazin-1-yl]carbonyl}-4-fluorobenzyl)phthalazin-1(2H)-one
4 water water
#
_entity_poly.entity_id   1
_entity_poly.type   'polypeptide(L)'
_entity_poly.pdbx_seq_one_letter_code
;GSQGTILLDLAPEDKEYQSVEEEMQSTIREHRDGGNAGGIFNRYNVIRIQKVVNKKLRERFCHRQKEVSEENHNHHNERM
LFHGSPFINAIIHKGFDERHAYIGGMFGAGIYFAENSSKSNQYVYGIGGGTGCPTHKDRSCYICHRQMLFCRVTLGKSFL
QFSTMKMAHAPPGHHSVIGRPSVNGLAYAEYVIYRGEQAYPEYLITYQIMKPE
;
_entity_poly.pdbx_strand_id   A,B,C
#
loop_
_chem_comp.id
_chem_comp.type
_chem_comp.name
_chem_comp.formula
09L non-polymer 4-(3-{[4-(cyclopropylcarbonyl)piperazin-1-yl]carbonyl}-4-fluorobenzyl)phthalazin-1(2H)-one 'C24 H23 F N4 O3'
ZN non-polymer 'ZINC ION' 'Zn 2'
#
# COMPACT_ATOMS: atom_id res chain seq x y z
N GLY A 4 -36.39 2.10 6.71
CA GLY A 4 -36.06 3.48 6.40
C GLY A 4 -34.60 3.83 6.62
N THR A 5 -33.94 4.38 5.57
CA THR A 5 -32.56 4.81 5.66
C THR A 5 -32.55 6.28 6.10
N ILE A 6 -31.61 6.66 6.99
CA ILE A 6 -31.34 8.01 7.48
C ILE A 6 -29.86 8.31 7.12
N LEU A 7 -29.61 9.46 6.49
CA LEU A 7 -28.25 9.89 6.16
C LEU A 7 -27.75 10.90 7.20
N LEU A 8 -26.69 10.52 7.91
CA LEU A 8 -26.08 11.36 8.93
C LEU A 8 -24.79 12.01 8.41
N ASP A 9 -24.77 13.35 8.28
CA ASP A 9 -23.59 14.06 7.83
C ASP A 9 -22.48 13.98 8.86
N LEU A 10 -21.23 13.82 8.36
CA LEU A 10 -20.04 13.82 9.20
C LEU A 10 -19.34 15.14 8.97
N ALA A 11 -18.88 15.78 10.06
CA ALA A 11 -18.15 17.04 9.94
C ALA A 11 -16.71 16.78 9.44
N PRO A 12 -16.15 17.63 8.55
CA PRO A 12 -14.76 17.42 8.09
C PRO A 12 -13.70 17.38 9.19
N GLU A 13 -13.98 18.03 10.35
CA GLU A 13 -13.07 18.10 11.51
C GLU A 13 -13.09 16.80 12.32
N ASP A 14 -14.07 15.90 12.05
CA ASP A 14 -14.20 14.61 12.73
C ASP A 14 -13.14 13.63 12.23
N LYS A 15 -12.50 12.91 13.17
CA LYS A 15 -11.48 11.91 12.83
C LYS A 15 -12.08 10.76 11.96
N GLU A 16 -13.40 10.49 12.09
CA GLU A 16 -14.10 9.47 11.31
C GLU A 16 -14.15 9.91 9.83
N TYR A 17 -14.48 11.18 9.59
CA TYR A 17 -14.49 11.77 8.26
C TYR A 17 -13.07 11.72 7.69
N GLN A 18 -12.07 12.15 8.51
CA GLN A 18 -10.68 12.16 8.06
C GLN A 18 -10.16 10.78 7.67
N SER A 19 -10.54 9.73 8.41
N SER A 19 -10.55 9.74 8.41
CA SER A 19 -10.10 8.37 8.12
CA SER A 19 -10.11 8.36 8.13
C SER A 19 -10.63 7.92 6.75
C SER A 19 -10.65 7.86 6.78
N VAL A 20 -11.91 8.21 6.47
CA VAL A 20 -12.55 7.82 5.20
C VAL A 20 -11.87 8.53 4.03
N GLU A 21 -11.72 9.85 4.14
CA GLU A 21 -11.05 10.60 3.10
C GLU A 21 -9.61 10.12 2.91
N GLU A 22 -8.85 9.90 4.00
CA GLU A 22 -7.48 9.41 3.87
C GLU A 22 -7.41 8.06 3.12
N GLU A 23 -8.27 7.11 3.45
CA GLU A 23 -8.26 5.83 2.69
C GLU A 23 -8.66 6.03 1.21
N MET A 24 -9.64 6.91 0.97
CA MET A 24 -10.07 7.19 -0.40
C MET A 24 -8.91 7.79 -1.23
N GLN A 25 -8.25 8.83 -0.71
CA GLN A 25 -7.16 9.52 -1.41
C GLN A 25 -5.92 8.65 -1.59
N SER A 26 -5.51 7.96 -0.51
CA SER A 26 -4.27 7.18 -0.49
C SER A 26 -4.32 5.94 -1.37
N THR A 27 -5.53 5.47 -1.75
CA THR A 27 -5.64 4.24 -2.55
C THR A 27 -5.85 4.47 -4.05
N ILE A 28 -5.80 5.74 -4.50
CA ILE A 28 -5.85 6.08 -5.92
C ILE A 28 -4.59 5.48 -6.60
N ARG A 29 -4.78 4.88 -7.77
CA ARG A 29 -3.70 4.32 -8.58
C ARG A 29 -3.95 4.63 -10.05
N GLU A 30 -2.89 4.53 -10.88
CA GLU A 30 -2.99 4.68 -12.34
C GLU A 30 -3.51 3.36 -12.90
N HIS A 31 -4.53 3.42 -13.77
CA HIS A 31 -5.12 2.23 -14.37
C HIS A 31 -4.59 1.98 -15.77
N ARG A 32 -4.55 0.70 -16.17
CA ARG A 32 -4.08 0.26 -17.49
C ARG A 32 -4.75 0.96 -18.67
N ASP A 33 -6.02 1.39 -18.50
CA ASP A 33 -6.78 2.05 -19.58
C ASP A 33 -6.42 3.54 -19.75
N GLY A 34 -5.35 3.97 -19.08
CA GLY A 34 -4.88 5.36 -19.10
C GLY A 34 -5.91 6.40 -18.67
N GLY A 35 -6.92 5.97 -17.88
CA GLY A 35 -7.98 6.85 -17.40
C GLY A 35 -9.26 6.87 -18.22
N ASN A 36 -9.41 5.99 -19.20
CA ASN A 36 -10.60 5.97 -20.05
C ASN A 36 -11.92 5.79 -19.29
N ALA A 37 -11.99 4.80 -18.39
CA ALA A 37 -13.23 4.51 -17.67
C ALA A 37 -13.60 5.53 -16.60
N GLY A 38 -12.62 5.89 -15.77
CA GLY A 38 -12.83 6.78 -14.63
C GLY A 38 -12.36 8.21 -14.73
N GLY A 39 -11.56 8.54 -15.73
CA GLY A 39 -11.01 9.88 -15.86
C GLY A 39 -9.56 9.96 -15.43
N ILE A 40 -8.95 11.14 -15.65
CA ILE A 40 -7.55 11.41 -15.36
C ILE A 40 -7.48 12.32 -14.16
N PHE A 41 -6.80 11.87 -13.09
CA PHE A 41 -6.74 12.54 -11.78
C PHE A 41 -5.75 11.84 -10.84
N ASN A 42 -5.17 12.60 -9.90
CA ASN A 42 -4.24 12.13 -8.86
C ASN A 42 -4.88 12.28 -7.46
N ARG A 43 -5.99 13.04 -7.37
CA ARG A 43 -6.68 13.33 -6.10
C ARG A 43 -8.16 13.58 -6.34
N TYR A 44 -8.97 13.50 -5.27
CA TYR A 44 -10.40 13.82 -5.31
C TYR A 44 -10.59 15.13 -4.54
N ASN A 45 -11.72 15.79 -4.77
CA ASN A 45 -12.17 16.87 -3.91
C ASN A 45 -13.35 16.22 -3.17
N VAL A 46 -13.20 15.92 -1.87
CA VAL A 46 -14.29 15.33 -1.11
C VAL A 46 -15.30 16.43 -0.71
N ILE A 47 -16.54 16.33 -1.24
CA ILE A 47 -17.61 17.31 -1.02
C ILE A 47 -18.28 17.06 0.34
N ARG A 48 -18.60 15.79 0.62
CA ARG A 48 -19.23 15.41 1.89
C ARG A 48 -19.18 13.93 2.09
N ILE A 49 -19.32 13.51 3.36
CA ILE A 49 -19.35 12.11 3.76
C ILE A 49 -20.51 11.93 4.71
N GLN A 50 -21.43 11.06 4.34
CA GLN A 50 -22.58 10.75 5.16
C GLN A 50 -22.57 9.29 5.56
N LYS A 51 -22.97 9.03 6.81
CA LYS A 51 -23.11 7.66 7.32
C LYS A 51 -24.51 7.16 7.00
N VAL A 52 -24.62 5.95 6.48
CA VAL A 52 -25.91 5.35 6.14
C VAL A 52 -26.43 4.61 7.37
N VAL A 53 -27.60 5.04 7.90
CA VAL A 53 -28.22 4.44 9.09
C VAL A 53 -29.52 3.74 8.68
N ASN A 54 -29.60 2.43 8.86
CA ASN A 54 -30.76 1.62 8.47
C ASN A 54 -30.74 0.40 9.37
N LYS A 55 -31.62 0.40 10.40
CA LYS A 55 -31.72 -0.65 11.43
C LYS A 55 -31.92 -2.04 10.84
N LYS A 56 -32.86 -2.17 9.87
CA LYS A 56 -33.22 -3.41 9.20
C LYS A 56 -32.01 -3.98 8.45
N LEU A 57 -31.31 -3.13 7.67
CA LEU A 57 -30.12 -3.55 6.92
C LEU A 57 -28.97 -3.95 7.85
N ARG A 58 -28.77 -3.18 8.93
CA ARG A 58 -27.76 -3.47 9.94
C ARG A 58 -28.03 -4.83 10.59
N GLU A 59 -29.30 -5.14 10.90
CA GLU A 59 -29.60 -6.41 11.54
C GLU A 59 -29.31 -7.58 10.59
N ARG A 60 -29.63 -7.43 9.29
CA ARG A 60 -29.36 -8.53 8.33
C ARG A 60 -27.85 -8.73 8.20
N PHE A 61 -27.08 -7.64 8.18
CA PHE A 61 -25.61 -7.65 8.11
C PHE A 61 -25.01 -8.35 9.36
N CYS A 62 -25.40 -7.90 10.56
N CYS A 62 -25.43 -7.88 10.56
CA CYS A 62 -24.89 -8.45 11.82
CA CYS A 62 -24.99 -8.37 11.87
C CYS A 62 -25.28 -9.91 12.01
C CYS A 62 -25.30 -9.85 12.02
N HIS A 63 -26.52 -10.29 11.60
CA HIS A 63 -26.94 -11.68 11.69
C HIS A 63 -26.05 -12.61 10.84
N ARG A 64 -25.75 -12.19 9.59
CA ARG A 64 -24.88 -12.99 8.71
C ARG A 64 -23.44 -12.99 9.25
N GLN A 65 -23.01 -11.85 9.77
CA GLN A 65 -21.64 -11.71 10.30
C GLN A 65 -21.40 -12.76 11.42
N LYS A 66 -22.41 -12.96 12.29
CA LYS A 66 -22.37 -13.97 13.37
C LYS A 66 -22.28 -15.41 12.79
N GLU A 67 -23.06 -15.69 11.74
CA GLU A 67 -23.07 -16.99 11.04
C GLU A 67 -21.70 -17.30 10.39
N VAL A 68 -21.09 -16.30 9.70
CA VAL A 68 -19.80 -16.45 9.03
C VAL A 68 -18.72 -16.62 10.10
N SER A 69 -18.82 -15.86 11.22
CA SER A 69 -17.89 -15.96 12.35
C SER A 69 -17.88 -17.40 12.88
N GLU A 70 -19.07 -17.99 13.09
CA GLU A 70 -19.23 -19.39 13.56
C GLU A 70 -18.64 -20.41 12.56
N GLU A 71 -18.65 -20.09 11.25
CA GLU A 71 -18.11 -20.98 10.20
C GLU A 71 -16.62 -20.76 9.94
N ASN A 72 -16.02 -19.71 10.55
CA ASN A 72 -14.63 -19.38 10.30
C ASN A 72 -13.79 -19.26 11.58
N HIS A 73 -14.00 -20.21 12.52
CA HIS A 73 -13.24 -20.27 13.79
C HIS A 73 -13.24 -18.92 14.53
N ASN A 74 -14.45 -18.34 14.63
CA ASN A 74 -14.79 -17.10 15.34
C ASN A 74 -14.17 -15.82 14.74
N HIS A 75 -13.87 -15.82 13.43
CA HIS A 75 -13.35 -14.62 12.75
C HIS A 75 -14.22 -14.28 11.53
N HIS A 76 -14.95 -13.17 11.61
CA HIS A 76 -15.81 -12.77 10.52
C HIS A 76 -15.02 -12.10 9.38
N ASN A 77 -13.78 -11.65 9.68
CA ASN A 77 -12.86 -11.05 8.72
C ASN A 77 -13.52 -9.90 7.91
N GLU A 78 -13.94 -8.84 8.63
CA GLU A 78 -14.54 -7.67 8.00
C GLU A 78 -13.42 -6.80 7.40
N ARG A 79 -13.67 -6.21 6.25
CA ARG A 79 -12.74 -5.27 5.58
C ARG A 79 -13.56 -4.07 5.09
N MET A 80 -12.98 -2.87 5.11
CA MET A 80 -13.64 -1.68 4.58
C MET A 80 -13.16 -1.61 3.09
N LEU A 81 -14.11 -1.54 2.13
CA LEU A 81 -13.80 -1.56 0.73
C LEU A 81 -14.77 -0.69 -0.03
N PHE A 82 -14.32 -0.19 -1.19
CA PHE A 82 -15.11 0.71 -2.05
C PHE A 82 -16.01 0.01 -3.02
N HIS A 83 -17.14 0.67 -3.36
CA HIS A 83 -18.07 0.19 -4.39
C HIS A 83 -18.62 1.40 -5.13
N GLY A 84 -18.47 1.37 -6.46
CA GLY A 84 -19.01 2.36 -7.39
C GLY A 84 -20.12 1.72 -8.21
N SER A 85 -21.27 2.41 -8.34
CA SER A 85 -22.41 1.89 -9.11
C SER A 85 -23.38 3.02 -9.42
N PRO A 86 -23.94 3.03 -10.65
CA PRO A 86 -24.98 4.03 -10.95
C PRO A 86 -26.23 3.83 -10.06
N PHE A 87 -26.37 2.62 -9.43
CA PHE A 87 -27.53 2.26 -8.59
C PHE A 87 -27.28 2.45 -7.09
N ILE A 88 -26.41 3.40 -6.75
CA ILE A 88 -26.05 3.79 -5.37
C ILE A 88 -27.31 4.16 -4.53
N ASN A 89 -28.33 4.79 -5.16
CA ASN A 89 -29.56 5.11 -4.40
C ASN A 89 -30.30 3.89 -3.91
N ALA A 90 -30.46 2.88 -4.78
CA ALA A 90 -31.08 1.63 -4.42
C ALA A 90 -30.24 0.91 -3.36
N ILE A 91 -28.88 0.94 -3.48
CA ILE A 91 -28.04 0.26 -2.50
C ILE A 91 -28.21 0.89 -1.11
N ILE A 92 -28.18 2.23 -1.00
CA ILE A 92 -28.29 2.85 0.32
C ILE A 92 -29.68 2.67 0.96
N HIS A 93 -30.71 2.43 0.15
CA HIS A 93 -32.06 2.22 0.71
C HIS A 93 -32.39 0.77 0.97
N LYS A 94 -32.00 -0.13 0.06
CA LYS A 94 -32.36 -1.55 0.21
C LYS A 94 -31.20 -2.50 0.50
N GLY A 95 -29.98 -1.98 0.46
CA GLY A 95 -28.76 -2.76 0.68
C GLY A 95 -28.28 -3.42 -0.60
N PHE A 96 -27.12 -4.08 -0.52
CA PHE A 96 -26.60 -4.80 -1.69
C PHE A 96 -27.51 -5.99 -1.98
N ASP A 97 -27.59 -6.37 -3.27
CA ASP A 97 -28.49 -7.44 -3.64
C ASP A 97 -27.81 -8.35 -4.63
N GLU A 98 -27.54 -9.60 -4.20
CA GLU A 98 -26.86 -10.58 -5.07
C GLU A 98 -27.70 -10.96 -6.28
N ARG A 99 -29.03 -10.71 -6.23
CA ARG A 99 -29.87 -10.96 -7.40
C ARG A 99 -29.47 -10.06 -8.58
N HIS A 100 -28.74 -8.92 -8.30
CA HIS A 100 -28.20 -8.02 -9.32
C HIS A 100 -26.63 -8.12 -9.36
N ALA A 101 -26.09 -9.29 -9.00
CA ALA A 101 -24.65 -9.58 -9.01
C ALA A 101 -24.15 -9.40 -10.49
N TYR A 102 -22.89 -9.11 -10.63
CA TYR A 102 -22.24 -8.82 -11.92
C TYR A 102 -21.99 -10.10 -12.68
N ILE A 103 -22.95 -10.44 -13.57
CA ILE A 103 -22.87 -11.62 -14.44
C ILE A 103 -21.53 -11.65 -15.23
N GLY A 104 -21.11 -10.48 -15.73
CA GLY A 104 -19.92 -10.34 -16.55
C GLY A 104 -18.59 -10.39 -15.82
N GLY A 105 -18.61 -10.44 -14.49
CA GLY A 105 -17.38 -10.41 -13.70
C GLY A 105 -16.45 -11.58 -13.84
N MET A 106 -15.16 -11.36 -13.52
CA MET A 106 -14.19 -12.47 -13.68
C MET A 106 -14.40 -13.62 -12.70
N PHE A 107 -15.10 -13.36 -11.58
CA PHE A 107 -15.40 -14.43 -10.63
C PHE A 107 -16.88 -14.78 -10.63
N GLY A 108 -17.54 -14.46 -11.73
CA GLY A 108 -18.94 -14.78 -11.89
C GLY A 108 -19.88 -13.87 -11.13
N ALA A 109 -21.08 -14.38 -10.84
CA ALA A 109 -22.18 -13.58 -10.31
C ALA A 109 -22.08 -13.26 -8.83
N GLY A 110 -21.18 -12.34 -8.53
CA GLY A 110 -21.01 -11.85 -7.18
C GLY A 110 -21.12 -10.33 -7.15
N ILE A 111 -20.99 -9.76 -5.94
CA ILE A 111 -21.01 -8.33 -5.70
C ILE A 111 -19.55 -7.97 -5.54
N TYR A 112 -19.07 -7.03 -6.37
CA TYR A 112 -17.66 -6.69 -6.45
C TYR A 112 -17.27 -5.41 -5.70
N PHE A 113 -16.10 -5.43 -5.05
CA PHE A 113 -15.57 -4.30 -4.30
C PHE A 113 -14.09 -4.17 -4.62
N ALA A 114 -13.53 -2.98 -4.41
CA ALA A 114 -12.12 -2.74 -4.62
C ALA A 114 -11.46 -2.18 -3.37
N GLU A 115 -10.15 -2.45 -3.19
CA GLU A 115 -9.44 -1.81 -2.08
C GLU A 115 -8.85 -0.48 -2.60
N ASN A 116 -8.93 -0.25 -3.92
CA ASN A 116 -8.43 1.00 -4.53
C ASN A 116 -9.64 1.82 -4.93
N SER A 117 -9.82 2.99 -4.29
CA SER A 117 -10.95 3.88 -4.60
C SER A 117 -11.06 4.22 -6.12
N SER A 118 -9.92 4.42 -6.80
CA SER A 118 -9.91 4.72 -8.24
C SER A 118 -10.47 3.57 -9.12
N LYS A 119 -10.37 2.30 -8.66
CA LYS A 119 -10.92 1.17 -9.39
C LYS A 119 -12.46 1.26 -9.29
N SER A 120 -13.00 1.59 -8.08
CA SER A 120 -14.45 1.76 -7.94
C SER A 120 -14.99 2.95 -8.73
N ASN A 121 -14.19 4.03 -8.85
CA ASN A 121 -14.53 5.24 -9.60
C ASN A 121 -14.74 4.87 -11.12
N GLN A 122 -14.14 3.76 -11.58
CA GLN A 122 -14.33 3.30 -12.98
C GLN A 122 -15.75 2.76 -13.21
N TYR A 123 -16.52 2.53 -12.13
CA TYR A 123 -17.86 1.94 -12.24
C TYR A 123 -19.02 2.85 -11.85
N VAL A 124 -18.72 4.05 -11.35
CA VAL A 124 -19.71 5.01 -10.87
C VAL A 124 -20.75 5.37 -11.96
N TYR A 125 -20.29 5.56 -13.22
CA TYR A 125 -21.22 5.89 -14.32
C TYR A 125 -21.60 4.69 -15.21
N GLY A 126 -21.24 3.49 -14.80
CA GLY A 126 -21.57 2.26 -15.52
C GLY A 126 -20.37 1.39 -15.78
N ILE A 127 -20.54 0.27 -16.54
CA ILE A 127 -19.42 -0.61 -16.90
C ILE A 127 -18.47 0.20 -17.79
N GLY A 128 -17.19 0.24 -17.43
CA GLY A 128 -16.17 1.01 -18.13
C GLY A 128 -16.46 2.50 -18.12
N GLY A 129 -17.23 2.95 -17.14
CA GLY A 129 -17.64 4.35 -17.02
C GLY A 129 -18.81 4.73 -17.90
N GLY A 130 -19.42 3.73 -18.55
CA GLY A 130 -20.55 3.94 -19.46
C GLY A 130 -20.26 5.07 -20.44
N THR A 131 -21.14 6.09 -20.45
CA THR A 131 -20.95 7.26 -21.33
C THR A 131 -20.65 8.50 -20.50
N GLY A 132 -20.11 8.32 -19.29
CA GLY A 132 -19.75 9.45 -18.42
C GLY A 132 -20.89 10.08 -17.67
N CYS A 133 -20.69 11.32 -17.19
CA CYS A 133 -21.71 12.05 -16.44
C CYS A 133 -23.00 12.31 -17.28
N PRO A 134 -24.21 12.28 -16.67
CA PRO A 134 -25.43 12.53 -17.46
C PRO A 134 -25.43 13.87 -18.21
N THR A 135 -24.99 14.97 -17.56
CA THR A 135 -24.96 16.33 -18.12
C THR A 135 -24.05 16.47 -19.35
N HIS A 136 -22.71 16.22 -19.21
CA HIS A 136 -21.76 16.45 -20.30
C HIS A 136 -21.36 15.18 -21.08
N LYS A 137 -21.79 13.97 -20.63
CA LYS A 137 -21.45 12.67 -21.24
C LYS A 137 -19.91 12.50 -21.26
N ASP A 138 -19.25 12.93 -20.15
CA ASP A 138 -17.80 12.93 -20.02
C ASP A 138 -17.35 11.98 -18.89
N ARG A 139 -16.64 10.87 -19.25
CA ARG A 139 -16.12 9.89 -18.27
C ARG A 139 -15.07 10.53 -17.36
N SER A 140 -14.46 11.65 -17.82
CA SER A 140 -13.45 12.42 -17.09
C SER A 140 -13.96 13.79 -16.58
N CYS A 141 -15.30 13.96 -16.42
CA CYS A 141 -15.86 15.21 -15.92
C CYS A 141 -15.29 15.66 -14.58
N TYR A 142 -14.88 16.95 -14.49
CA TYR A 142 -14.29 17.61 -13.32
C TYR A 142 -15.30 18.51 -12.63
N ILE A 143 -16.49 18.63 -13.22
CA ILE A 143 -17.56 19.49 -12.74
C ILE A 143 -18.60 18.74 -11.89
N CYS A 144 -19.24 17.71 -12.46
CA CYS A 144 -20.30 16.91 -11.85
C CYS A 144 -19.82 16.16 -10.63
N HIS A 145 -20.65 16.19 -9.57
CA HIS A 145 -20.44 15.51 -8.30
C HIS A 145 -20.76 14.04 -8.52
N ARG A 146 -19.80 13.18 -8.16
CA ARG A 146 -19.94 11.72 -8.21
C ARG A 146 -20.19 11.23 -6.79
N GLN A 147 -20.60 9.99 -6.66
CA GLN A 147 -20.78 9.37 -5.37
C GLN A 147 -20.27 7.95 -5.38
N MET A 148 -19.65 7.54 -4.30
CA MET A 148 -19.23 6.15 -4.16
C MET A 148 -19.46 5.71 -2.72
N LEU A 149 -19.45 4.42 -2.49
CA LEU A 149 -19.63 3.86 -1.14
C LEU A 149 -18.31 3.31 -0.60
N PHE A 150 -18.13 3.44 0.71
CA PHE A 150 -17.00 2.82 1.42
C PHE A 150 -17.77 1.96 2.43
N CYS A 151 -17.72 0.64 2.22
CA CYS A 151 -18.53 -0.41 2.86
C CYS A 151 -17.80 -1.33 3.81
N ARG A 152 -18.56 -1.86 4.79
CA ARG A 152 -18.07 -2.91 5.67
C ARG A 152 -18.41 -4.19 4.90
N VAL A 153 -17.42 -5.04 4.71
CA VAL A 153 -17.65 -6.28 3.96
C VAL A 153 -17.15 -7.46 4.77
N THR A 154 -18.03 -8.43 4.98
CA THR A 154 -17.74 -9.64 5.69
C THR A 154 -17.12 -10.60 4.71
N LEU A 155 -15.80 -10.89 4.87
CA LEU A 155 -15.12 -11.80 3.95
C LEU A 155 -15.05 -13.22 4.47
N GLY A 156 -15.10 -13.41 5.79
CA GLY A 156 -14.99 -14.74 6.37
C GLY A 156 -13.75 -15.44 5.87
N LYS A 157 -13.88 -16.73 5.46
CA LYS A 157 -12.76 -17.47 4.89
C LYS A 157 -12.72 -17.13 3.39
N SER A 158 -11.73 -16.32 3.00
N SER A 158 -11.70 -16.36 2.99
CA SER A 158 -11.61 -15.88 1.61
CA SER A 158 -11.56 -15.96 1.60
C SER A 158 -10.85 -16.85 0.70
C SER A 158 -10.92 -17.01 0.71
N PHE A 159 -11.36 -17.05 -0.53
CA PHE A 159 -10.80 -17.97 -1.54
C PHE A 159 -9.92 -17.19 -2.52
N LEU A 160 -8.60 -17.45 -2.47
CA LEU A 160 -7.64 -16.77 -3.30
C LEU A 160 -7.69 -17.21 -4.74
N GLN A 161 -7.71 -16.25 -5.67
CA GLN A 161 -7.63 -16.57 -7.09
C GLN A 161 -6.78 -15.49 -7.81
N PHE A 162 -6.16 -15.89 -8.93
CA PHE A 162 -5.39 -14.98 -9.80
C PHE A 162 -6.04 -14.83 -11.15
N SER A 163 -6.77 -15.87 -11.60
CA SER A 163 -7.37 -15.98 -12.92
C SER A 163 -8.89 -16.10 -12.86
N THR A 164 -9.55 -15.85 -14.02
CA THR A 164 -10.99 -15.96 -14.19
C THR A 164 -11.47 -17.33 -13.73
N MET A 165 -12.49 -17.31 -12.85
CA MET A 165 -13.13 -18.51 -12.34
C MET A 165 -14.58 -18.11 -12.09
N LYS A 166 -15.45 -18.35 -13.06
CA LYS A 166 -16.86 -17.94 -12.96
C LYS A 166 -17.63 -18.82 -11.98
N MET A 167 -18.04 -18.25 -10.84
CA MET A 167 -18.78 -18.96 -9.79
C MET A 167 -20.14 -18.32 -9.56
N ALA A 168 -21.08 -19.10 -9.02
CA ALA A 168 -22.43 -18.65 -8.67
C ALA A 168 -22.50 -18.31 -7.17
N HIS A 169 -21.63 -18.93 -6.36
CA HIS A 169 -21.59 -18.77 -4.92
C HIS A 169 -20.13 -18.89 -4.50
N ALA A 170 -19.83 -18.56 -3.23
CA ALA A 170 -18.46 -18.76 -2.73
C ALA A 170 -18.12 -20.24 -2.86
N PRO A 171 -16.84 -20.62 -2.96
CA PRO A 171 -16.50 -22.05 -3.05
C PRO A 171 -16.83 -22.73 -1.71
N PRO A 172 -16.98 -24.07 -1.73
CA PRO A 172 -17.27 -24.78 -0.47
C PRO A 172 -16.34 -24.40 0.68
N GLY A 173 -16.92 -24.23 1.87
CA GLY A 173 -16.21 -23.84 3.08
C GLY A 173 -15.72 -22.41 3.11
N HIS A 174 -16.00 -21.61 2.05
CA HIS A 174 -15.55 -20.23 1.96
C HIS A 174 -16.71 -19.23 1.97
N HIS A 175 -16.42 -17.93 2.18
CA HIS A 175 -17.45 -16.86 2.23
C HIS A 175 -17.23 -15.71 1.25
N SER A 176 -16.11 -15.72 0.55
CA SER A 176 -15.75 -14.66 -0.37
C SER A 176 -14.65 -15.18 -1.31
N VAL A 177 -14.36 -14.37 -2.34
CA VAL A 177 -13.31 -14.64 -3.34
C VAL A 177 -12.49 -13.38 -3.50
N ILE A 178 -11.15 -13.52 -3.44
N ILE A 178 -11.17 -13.57 -3.49
CA ILE A 178 -10.29 -12.36 -3.63
CA ILE A 178 -10.19 -12.52 -3.60
C ILE A 178 -9.37 -12.64 -4.82
C ILE A 178 -9.36 -12.73 -4.90
N GLY A 179 -9.45 -11.78 -5.82
CA GLY A 179 -8.62 -11.81 -7.01
C GLY A 179 -7.42 -10.94 -6.69
N ARG A 180 -6.23 -11.54 -6.61
CA ARG A 180 -5.03 -10.78 -6.29
C ARG A 180 -4.26 -10.36 -7.55
N PRO A 181 -3.52 -9.22 -7.49
CA PRO A 181 -2.74 -8.80 -8.67
C PRO A 181 -1.67 -9.85 -9.04
N SER A 182 -1.30 -9.87 -10.32
CA SER A 182 -0.20 -10.71 -10.80
C SER A 182 0.34 -10.03 -12.09
N VAL A 183 1.58 -10.30 -12.43
CA VAL A 183 2.18 -9.72 -13.65
C VAL A 183 1.28 -9.90 -14.91
N ASN A 184 0.78 -11.12 -15.15
CA ASN A 184 -0.02 -11.46 -16.32
C ASN A 184 -1.54 -11.32 -16.12
N GLY A 185 -1.98 -11.02 -14.90
CA GLY A 185 -3.41 -10.93 -14.60
C GLY A 185 -3.86 -9.58 -14.12
N LEU A 186 -4.48 -9.54 -12.96
CA LEU A 186 -5.00 -8.30 -12.39
C LEU A 186 -3.92 -7.30 -12.05
N ALA A 187 -4.23 -5.99 -12.25
CA ALA A 187 -3.36 -4.91 -11.84
C ALA A 187 -3.65 -4.64 -10.36
N TYR A 188 -4.95 -4.64 -9.98
CA TYR A 188 -5.40 -4.34 -8.61
C TYR A 188 -6.39 -5.39 -8.14
N ALA A 189 -6.49 -5.54 -6.82
CA ALA A 189 -7.33 -6.56 -6.23
C ALA A 189 -8.82 -6.33 -6.47
N GLU A 190 -9.59 -7.42 -6.36
CA GLU A 190 -11.03 -7.31 -6.32
C GLU A 190 -11.54 -8.32 -5.34
N TYR A 191 -12.51 -7.89 -4.56
CA TYR A 191 -13.14 -8.63 -3.49
C TYR A 191 -14.57 -8.94 -3.90
N VAL A 192 -14.97 -10.21 -3.80
CA VAL A 192 -16.29 -10.63 -4.26
C VAL A 192 -17.01 -11.43 -3.18
N ILE A 193 -18.28 -11.10 -2.96
CA ILE A 193 -19.18 -11.79 -2.04
C ILE A 193 -20.38 -12.20 -2.87
N TYR A 194 -21.08 -13.21 -2.44
CA TYR A 194 -22.19 -13.77 -3.21
C TYR A 194 -23.53 -13.64 -2.49
N ARG A 195 -23.55 -12.86 -1.38
CA ARG A 195 -24.75 -12.58 -0.57
C ARG A 195 -24.75 -11.12 -0.24
N GLY A 196 -25.86 -10.45 -0.52
CA GLY A 196 -25.99 -9.02 -0.24
C GLY A 196 -25.81 -8.64 1.23
N GLU A 197 -26.23 -9.53 2.13
CA GLU A 197 -26.13 -9.27 3.58
C GLU A 197 -24.68 -9.39 4.10
N GLN A 198 -23.70 -9.73 3.22
CA GLN A 198 -22.28 -9.70 3.65
C GLN A 198 -21.64 -8.31 3.43
N ALA A 199 -22.44 -7.31 3.04
CA ALA A 199 -21.88 -5.97 2.94
C ALA A 199 -22.85 -4.94 3.47
N TYR A 200 -22.32 -3.90 4.11
CA TYR A 200 -23.13 -2.81 4.63
C TYR A 200 -22.60 -1.51 4.00
N PRO A 201 -23.49 -0.69 3.40
CA PRO A 201 -23.02 0.52 2.72
C PRO A 201 -22.84 1.64 3.75
N GLU A 202 -21.76 1.56 4.54
CA GLU A 202 -21.51 2.42 5.69
C GLU A 202 -21.44 3.90 5.39
N TYR A 203 -20.58 4.27 4.43
CA TYR A 203 -20.31 5.66 4.07
C TYR A 203 -20.67 5.98 2.64
N LEU A 204 -21.34 7.09 2.47
CA LEU A 204 -21.73 7.62 1.18
C LEU A 204 -20.86 8.83 0.98
N ILE A 205 -19.91 8.73 0.02
CA ILE A 205 -18.96 9.79 -0.28
C ILE A 205 -19.41 10.55 -1.53
N THR A 206 -19.53 11.89 -1.44
CA THR A 206 -19.82 12.77 -2.59
C THR A 206 -18.52 13.45 -2.91
N TYR A 207 -18.10 13.42 -4.18
CA TYR A 207 -16.79 13.91 -4.54
C TYR A 207 -16.69 14.32 -5.99
N GLN A 208 -15.59 14.96 -6.35
CA GLN A 208 -15.24 15.29 -7.72
C GLN A 208 -13.84 14.76 -7.95
N ILE A 209 -13.54 14.35 -9.20
CA ILE A 209 -12.17 14.03 -9.51
C ILE A 209 -11.53 15.37 -9.81
N MET A 210 -10.25 15.56 -9.48
CA MET A 210 -9.60 16.84 -9.73
C MET A 210 -8.66 16.76 -10.93
N LYS A 211 -8.64 17.83 -11.75
CA LYS A 211 -7.77 17.93 -12.92
C LYS A 211 -6.31 18.07 -12.44
N PRO A 212 -5.38 17.19 -12.90
CA PRO A 212 -3.98 17.32 -12.45
C PRO A 212 -3.32 18.62 -12.92
N GLU A 213 -2.56 19.27 -12.03
CA GLU A 213 -1.88 20.54 -12.35
C GLU A 213 -0.44 20.32 -12.83
N SER B 2 27.85 8.11 18.35
CA SER B 2 26.67 8.28 19.21
C SER B 2 25.97 6.95 19.48
N GLN B 3 25.61 6.73 20.76
CA GLN B 3 24.93 5.54 21.27
C GLN B 3 23.52 5.36 20.68
N GLY B 4 22.83 6.46 20.40
CA GLY B 4 21.44 6.45 19.92
C GLY B 4 20.49 5.97 21.00
N THR B 5 19.29 5.55 20.60
CA THR B 5 18.27 5.08 21.53
C THR B 5 18.51 3.63 21.92
N ILE B 6 18.42 3.38 23.22
CA ILE B 6 18.51 2.07 23.82
C ILE B 6 17.18 1.87 24.58
N LEU B 7 16.56 0.68 24.40
CA LEU B 7 15.34 0.35 25.11
C LEU B 7 15.72 -0.45 26.34
N LEU B 8 15.45 0.10 27.53
CA LEU B 8 15.71 -0.52 28.83
C LEU B 8 14.47 -1.24 29.30
N ASP B 9 14.54 -2.59 29.40
CA ASP B 9 13.39 -3.35 29.87
C ASP B 9 13.11 -3.12 31.34
N LEU B 10 11.84 -2.91 31.68
CA LEU B 10 11.40 -2.72 33.06
C LEU B 10 10.84 -4.02 33.61
N ALA B 11 11.19 -4.36 34.86
CA ALA B 11 10.70 -5.60 35.48
C ALA B 11 9.26 -5.41 35.95
N PRO B 12 8.33 -6.35 35.62
CA PRO B 12 6.95 -6.22 36.12
C PRO B 12 6.80 -6.13 37.65
N GLU B 13 7.83 -6.56 38.42
CA GLU B 13 7.85 -6.50 39.90
C GLU B 13 8.25 -5.09 40.42
N ASP B 14 8.87 -4.27 39.55
CA ASP B 14 9.36 -2.91 39.81
C ASP B 14 8.20 -1.93 39.99
N LYS B 15 8.36 -0.95 40.92
CA LYS B 15 7.38 0.10 41.16
C LYS B 15 7.20 0.93 39.89
N GLU B 16 8.29 1.20 39.14
CA GLU B 16 8.22 1.96 37.89
C GLU B 16 7.25 1.38 36.86
N TYR B 17 7.40 0.08 36.53
CA TYR B 17 6.54 -0.63 35.60
C TYR B 17 5.07 -0.54 36.07
N GLN B 18 4.84 -0.91 37.35
CA GLN B 18 3.49 -0.90 37.93
C GLN B 18 2.84 0.49 37.89
N SER B 19 3.62 1.54 38.14
N SER B 19 3.63 1.55 38.14
CA SER B 19 3.13 2.92 38.09
CA SER B 19 3.17 2.94 38.09
C SER B 19 2.66 3.27 36.67
C SER B 19 2.71 3.32 36.69
N VAL B 20 3.48 2.90 35.64
CA VAL B 20 3.14 3.14 34.23
C VAL B 20 1.84 2.37 33.87
N GLU B 21 1.78 1.07 34.24
CA GLU B 21 0.57 0.31 33.95
C GLU B 21 -0.68 0.89 34.60
N GLU B 22 -0.57 1.32 35.88
CA GLU B 22 -1.65 1.91 36.65
C GLU B 22 -2.20 3.14 35.95
N GLU B 23 -1.31 4.04 35.51
CA GLU B 23 -1.73 5.23 34.76
C GLU B 23 -2.42 4.86 33.44
N MET B 24 -1.87 3.87 32.74
CA MET B 24 -2.42 3.40 31.49
C MET B 24 -3.86 2.83 31.69
N GLN B 25 -4.03 1.91 32.66
CA GLN B 25 -5.36 1.33 32.92
C GLN B 25 -6.39 2.32 33.46
N SER B 26 -6.03 3.09 34.51
N SER B 26 -6.02 3.10 34.50
CA SER B 26 -6.93 4.01 35.20
CA SER B 26 -6.86 4.03 35.24
C SER B 26 -7.51 5.12 34.35
C SER B 26 -7.41 5.20 34.43
N THR B 27 -6.79 5.51 33.28
CA THR B 27 -7.23 6.62 32.42
C THR B 27 -8.06 6.18 31.21
N ILE B 28 -8.42 4.89 31.14
CA ILE B 28 -9.29 4.38 30.07
C ILE B 28 -10.68 4.98 30.24
N ARG B 29 -11.27 5.39 29.13
CA ARG B 29 -12.62 5.94 29.07
C ARG B 29 -13.42 5.27 27.96
N GLU B 30 -14.75 5.30 28.10
CA GLU B 30 -15.67 4.75 27.10
C GLU B 30 -15.84 5.83 26.04
N HIS B 31 -15.45 5.53 24.81
CA HIS B 31 -15.45 6.51 23.74
C HIS B 31 -16.80 6.62 23.00
N ARG B 32 -17.16 7.87 22.61
CA ARG B 32 -18.38 8.33 21.90
C ARG B 32 -18.71 7.58 20.61
N ASP B 33 -17.67 7.15 19.87
CA ASP B 33 -17.84 6.47 18.59
C ASP B 33 -18.21 4.98 18.74
N GLY B 34 -18.50 4.56 19.98
CA GLY B 34 -18.90 3.20 20.32
C GLY B 34 -17.81 2.17 20.13
N GLY B 35 -16.56 2.60 20.37
CA GLY B 35 -15.40 1.76 20.20
C GLY B 35 -15.04 1.63 18.73
N ASN B 36 -15.41 2.64 17.92
CA ASN B 36 -15.08 2.63 16.51
C ASN B 36 -13.57 2.72 16.37
N ALA B 37 -13.00 3.93 16.43
CA ALA B 37 -11.59 4.21 16.19
C ALA B 37 -10.59 3.26 16.90
N GLY B 38 -10.74 3.07 18.22
CA GLY B 38 -9.78 2.29 18.99
C GLY B 38 -10.11 0.84 19.28
N GLY B 39 -11.35 0.45 18.99
CA GLY B 39 -11.82 -0.90 19.24
C GLY B 39 -12.66 -0.98 20.49
N ILE B 40 -13.21 -2.18 20.78
CA ILE B 40 -14.08 -2.39 21.93
C ILE B 40 -13.33 -3.14 23.03
N PHE B 41 -13.12 -2.48 24.18
CA PHE B 41 -12.37 -3.07 25.28
C PHE B 41 -12.72 -2.35 26.57
N ASN B 42 -12.48 -3.01 27.72
CA ASN B 42 -12.69 -2.45 29.06
C ASN B 42 -11.34 -2.27 29.76
N ARG B 43 -10.31 -2.97 29.28
CA ARG B 43 -8.94 -2.95 29.84
C ARG B 43 -7.90 -3.40 28.85
N TYR B 44 -6.61 -3.25 29.22
CA TYR B 44 -5.50 -3.69 28.39
C TYR B 44 -4.79 -4.89 29.01
N ASN B 45 -4.09 -5.63 28.17
CA ASN B 45 -3.15 -6.65 28.58
C ASN B 45 -1.77 -6.03 28.26
N VAL B 46 -1.04 -5.57 29.28
CA VAL B 46 0.28 -4.99 29.09
C VAL B 46 1.29 -6.14 28.94
N ILE B 47 1.94 -6.22 27.77
CA ILE B 47 2.95 -7.23 27.38
C ILE B 47 4.32 -6.90 28.00
N ARG B 48 4.79 -5.64 27.81
CA ARG B 48 6.07 -5.19 28.35
C ARG B 48 6.11 -3.67 28.35
N ILE B 49 6.99 -3.11 29.19
CA ILE B 49 7.19 -1.67 29.27
C ILE B 49 8.70 -1.46 29.22
N GLN B 50 9.14 -0.61 28.29
CA GLN B 50 10.54 -0.26 28.09
C GLN B 50 10.78 1.23 28.27
N LYS B 51 11.89 1.56 28.90
CA LYS B 51 12.30 2.95 29.10
C LYS B 51 13.12 3.32 27.87
N VAL B 52 12.80 4.46 27.22
CA VAL B 52 13.49 4.92 26.00
C VAL B 52 14.64 5.78 26.46
N VAL B 53 15.86 5.30 26.27
CA VAL B 53 17.02 6.01 26.76
C VAL B 53 17.81 6.60 25.59
N ASN B 54 17.90 7.94 25.51
CA ASN B 54 18.66 8.59 24.45
C ASN B 54 19.26 9.86 25.06
N LYS B 55 20.57 9.85 25.36
CA LYS B 55 21.26 10.97 25.97
C LYS B 55 21.12 12.31 25.19
N LYS B 56 21.28 12.30 23.86
CA LYS B 56 21.17 13.51 23.03
C LYS B 56 19.74 14.09 23.08
N LEU B 57 18.72 13.22 22.98
CA LEU B 57 17.30 13.63 23.04
C LEU B 57 16.99 14.17 24.43
N ARG B 58 17.52 13.51 25.48
CA ARG B 58 17.33 13.95 26.86
C ARG B 58 17.88 15.37 27.05
N GLU B 59 19.10 15.63 26.51
CA GLU B 59 19.72 16.96 26.64
C GLU B 59 18.86 18.03 25.95
N ARG B 60 18.32 17.74 24.75
CA ARG B 60 17.49 18.74 24.05
C ARG B 60 16.22 19.07 24.87
N PHE B 61 15.60 18.04 25.44
CA PHE B 61 14.41 18.14 26.27
C PHE B 61 14.71 18.94 27.54
N CYS B 62 15.84 18.62 28.21
N CYS B 62 15.87 18.62 28.18
CA CYS B 62 16.21 19.33 29.42
CA CYS B 62 16.36 19.28 29.39
C CYS B 62 16.61 20.79 29.17
C CYS B 62 16.61 20.75 29.15
N HIS B 63 17.26 21.09 28.03
CA HIS B 63 17.60 22.48 27.72
C HIS B 63 16.30 23.31 27.51
N ARG B 64 15.35 22.73 26.77
CA ARG B 64 14.08 23.43 26.53
C ARG B 64 13.28 23.60 27.82
N GLN B 65 13.27 22.56 28.67
CA GLN B 65 12.57 22.64 29.96
C GLN B 65 13.09 23.84 30.78
N LYS B 66 14.42 24.03 30.86
CA LYS B 66 14.99 25.17 31.58
C LYS B 66 14.54 26.50 30.98
N GLU B 67 14.48 26.59 29.65
CA GLU B 67 14.06 27.80 28.93
C GLU B 67 12.60 28.14 29.26
N VAL B 68 11.71 27.14 29.23
CA VAL B 68 10.30 27.31 29.57
C VAL B 68 10.14 27.75 31.05
N SER B 69 10.87 27.08 31.97
CA SER B 69 10.89 27.38 33.41
C SER B 69 11.24 28.87 33.65
N GLU B 70 12.30 29.38 32.98
CA GLU B 70 12.72 30.78 33.06
C GLU B 70 11.63 31.74 32.59
N GLU B 71 10.89 31.34 31.54
CA GLU B 71 9.78 32.11 30.95
C GLU B 71 8.51 32.02 31.75
N ASN B 72 8.37 31.01 32.65
CA ASN B 72 7.12 30.80 33.37
C ASN B 72 7.27 30.83 34.89
N HIS B 73 7.93 31.87 35.42
CA HIS B 73 8.09 32.07 36.87
C HIS B 73 8.64 30.81 37.57
N ASN B 74 9.61 30.12 36.94
CA ASN B 74 10.26 28.89 37.46
C ASN B 74 9.34 27.65 37.51
N HIS B 75 8.29 27.61 36.66
CA HIS B 75 7.39 26.45 36.60
C HIS B 75 7.37 25.88 35.17
N HIS B 76 8.05 24.77 34.94
CA HIS B 76 8.02 24.15 33.60
C HIS B 76 6.71 23.37 33.34
N ASN B 77 5.97 23.02 34.42
N ASN B 77 5.97 23.02 34.43
CA ASN B 77 4.69 22.35 34.33
CA ASN B 77 4.69 22.31 34.41
C ASN B 77 4.78 21.07 33.47
C ASN B 77 4.71 21.04 33.56
N GLU B 78 5.61 20.11 33.92
CA GLU B 78 5.74 18.85 33.20
C GLU B 78 4.55 17.96 33.60
N ARG B 79 3.98 17.29 32.62
CA ARG B 79 2.91 16.33 32.79
C ARG B 79 3.29 15.06 32.05
N MET B 80 2.90 13.91 32.58
CA MET B 80 3.10 12.65 31.89
C MET B 80 1.81 12.42 31.05
N LEU B 81 1.95 12.23 29.73
CA LEU B 81 0.80 12.10 28.81
C LEU B 81 1.03 11.04 27.76
N PHE B 82 -0.04 10.55 27.14
CA PHE B 82 0.07 9.45 26.19
C PHE B 82 0.10 9.97 24.77
N HIS B 83 0.71 9.19 23.90
CA HIS B 83 0.80 9.43 22.48
C HIS B 83 0.79 8.10 21.75
N GLY B 84 -0.22 7.95 20.91
CA GLY B 84 -0.37 6.80 20.02
C GLY B 84 -0.11 7.28 18.60
N SER B 85 0.72 6.54 17.84
CA SER B 85 1.04 6.93 16.47
C SER B 85 1.55 5.74 15.67
N PRO B 86 1.28 5.69 14.34
CA PRO B 86 1.92 4.65 13.52
C PRO B 86 3.43 4.91 13.35
N PHE B 87 3.91 6.11 13.74
CA PHE B 87 5.30 6.57 13.57
C PHE B 87 6.15 6.46 14.85
N ILE B 88 5.72 5.55 15.76
CA ILE B 88 6.36 5.29 17.04
C ILE B 88 7.85 4.92 16.88
N ASN B 89 8.20 4.15 15.84
CA ASN B 89 9.60 3.78 15.62
C ASN B 89 10.47 5.01 15.36
N ALA B 90 9.95 5.95 14.57
CA ALA B 90 10.64 7.20 14.25
C ALA B 90 10.77 8.09 15.50
N ILE B 91 9.70 8.20 16.30
CA ILE B 91 9.70 9.04 17.51
C ILE B 91 10.73 8.54 18.53
N ILE B 92 10.79 7.23 18.75
CA ILE B 92 11.75 6.73 19.73
C ILE B 92 13.20 6.90 19.31
N HIS B 93 13.47 6.96 18.00
CA HIS B 93 14.85 7.13 17.54
C HIS B 93 15.25 8.57 17.29
N LYS B 94 14.31 9.42 16.85
CA LYS B 94 14.62 10.82 16.48
C LYS B 94 13.95 11.90 17.34
N GLY B 95 13.06 11.49 18.22
CA GLY B 95 12.29 12.41 19.06
C GLY B 95 11.04 12.84 18.32
N PHE B 96 10.22 13.64 18.98
CA PHE B 96 9.01 14.21 18.36
C PHE B 96 9.52 15.37 17.48
N ASP B 97 8.82 15.62 16.39
CA ASP B 97 9.24 16.64 15.40
C ASP B 97 7.99 17.39 14.94
N GLU B 98 7.94 18.68 15.30
CA GLU B 98 6.83 19.55 14.93
C GLU B 98 6.78 19.77 13.40
N ARG B 99 7.88 19.46 12.68
CA ARG B 99 7.88 19.58 11.21
C ARG B 99 6.98 18.51 10.55
N HIS B 100 6.57 17.49 11.35
CA HIS B 100 5.65 16.39 11.01
C HIS B 100 4.34 16.51 11.88
N ALA B 101 4.04 17.72 12.38
CA ALA B 101 2.87 18.06 13.22
C ALA B 101 1.55 17.73 12.52
N TYR B 102 0.45 17.53 13.32
CA TYR B 102 -0.91 17.19 12.85
C TYR B 102 -1.64 18.41 12.23
N ILE B 103 -1.43 18.62 10.91
CA ILE B 103 -1.85 19.69 9.99
C ILE B 103 -3.20 20.49 10.33
N GLY B 104 -4.42 19.93 10.44
CA GLY B 104 -4.91 18.56 10.54
C GLY B 104 -5.77 18.51 11.80
N GLY B 105 -5.10 18.67 12.92
CA GLY B 105 -5.67 18.70 14.26
C GLY B 105 -6.40 19.98 14.57
N MET B 106 -7.20 19.90 15.60
CA MET B 106 -8.08 21.01 15.95
C MET B 106 -7.32 22.23 16.45
N PHE B 107 -6.05 22.07 16.87
CA PHE B 107 -5.27 23.20 17.31
C PHE B 107 -4.11 23.51 16.35
N GLY B 108 -4.25 23.03 15.11
CA GLY B 108 -3.27 23.27 14.06
C GLY B 108 -2.01 22.44 14.16
N ALA B 109 -0.90 23.01 13.67
CA ALA B 109 0.38 22.36 13.46
C ALA B 109 1.20 22.10 14.71
N GLY B 110 0.64 21.28 15.58
CA GLY B 110 1.32 20.90 16.81
C GLY B 110 1.50 19.40 16.98
N ILE B 111 2.01 19.01 18.17
CA ILE B 111 2.21 17.61 18.56
C ILE B 111 1.20 17.36 19.63
N TYR B 112 0.39 16.31 19.45
CA TYR B 112 -0.79 16.02 20.24
C TYR B 112 -0.63 14.89 21.24
N PHE B 113 -1.11 15.11 22.48
CA PHE B 113 -1.11 14.11 23.57
C PHE B 113 -2.49 14.02 24.25
N ALA B 114 -2.73 12.91 24.92
CA ALA B 114 -3.98 12.67 25.65
C ALA B 114 -3.65 12.37 27.12
N GLU B 115 -4.55 12.75 28.03
CA GLU B 115 -4.43 12.34 29.44
C GLU B 115 -5.17 10.99 29.64
N ASN B 116 -5.87 10.49 28.60
CA ASN B 116 -6.55 9.19 28.61
C ASN B 116 -5.88 8.27 27.64
N SER B 117 -5.34 7.15 28.15
CA SER B 117 -4.68 6.19 27.28
C SER B 117 -5.58 5.71 26.10
N SER B 118 -6.89 5.50 26.40
CA SER B 118 -7.89 5.06 25.43
C SER B 118 -8.03 6.03 24.26
N LYS B 119 -7.83 7.32 24.51
CA LYS B 119 -7.86 8.32 23.44
C LYS B 119 -6.62 8.19 22.54
N SER B 120 -5.43 8.00 23.14
CA SER B 120 -4.23 7.80 22.34
C SER B 120 -4.35 6.45 21.58
N ASN B 121 -5.03 5.44 22.17
CA ASN B 121 -5.24 4.16 21.48
C ASN B 121 -6.03 4.32 20.17
N GLN B 122 -6.88 5.36 20.05
CA GLN B 122 -7.68 5.63 18.85
C GLN B 122 -6.79 6.07 17.68
N TYR B 123 -5.49 6.38 17.91
CA TYR B 123 -4.59 6.89 16.90
C TYR B 123 -3.41 5.99 16.53
N VAL B 124 -3.26 4.87 17.26
CA VAL B 124 -2.16 3.91 17.12
C VAL B 124 -2.05 3.42 15.66
N TYR B 125 -3.19 3.10 15.04
CA TYR B 125 -3.19 2.62 13.66
C TYR B 125 -3.50 3.72 12.66
N GLY B 126 -3.60 4.94 13.12
CA GLY B 126 -3.86 6.08 12.25
C GLY B 126 -4.99 6.97 12.72
N ILE B 127 -5.22 8.06 11.98
CA ILE B 127 -6.29 9.01 12.29
C ILE B 127 -7.63 8.25 12.20
N GLY B 128 -8.42 8.32 13.28
CA GLY B 128 -9.70 7.61 13.41
C GLY B 128 -9.56 6.09 13.43
N GLY B 129 -8.36 5.58 13.74
CA GLY B 129 -8.04 4.16 13.75
C GLY B 129 -7.52 3.60 12.44
N GLY B 130 -7.38 4.46 11.41
CA GLY B 130 -6.91 4.06 10.09
C GLY B 130 -7.72 2.88 9.56
N THR B 131 -7.01 1.84 9.11
CA THR B 131 -7.62 0.59 8.65
C THR B 131 -7.36 -0.53 9.68
N GLY B 132 -7.08 -0.16 10.92
CA GLY B 132 -6.79 -1.12 11.97
C GLY B 132 -5.41 -1.72 11.87
N CYS B 133 -5.23 -2.89 12.45
CA CYS B 133 -3.93 -3.57 12.51
C CYS B 133 -3.42 -3.95 11.09
N PRO B 134 -2.09 -3.96 10.85
CA PRO B 134 -1.60 -4.29 9.49
C PRO B 134 -1.91 -5.71 9.00
N THR B 135 -1.95 -6.70 9.91
CA THR B 135 -2.20 -8.10 9.57
C THR B 135 -3.68 -8.41 9.31
N HIS B 136 -4.59 -8.03 10.23
CA HIS B 136 -6.01 -8.38 10.11
C HIS B 136 -6.91 -7.24 9.64
N LYS B 137 -6.36 -6.00 9.53
CA LYS B 137 -7.12 -4.80 9.14
C LYS B 137 -8.33 -4.61 10.07
N ASP B 138 -8.10 -4.89 11.36
CA ASP B 138 -9.11 -4.84 12.39
C ASP B 138 -8.79 -3.73 13.41
N ARG B 139 -9.68 -2.72 13.52
CA ARG B 139 -9.52 -1.60 14.47
C ARG B 139 -9.68 -2.12 15.91
N SER B 140 -10.42 -3.24 16.03
CA SER B 140 -10.67 -3.89 17.31
C SER B 140 -9.86 -5.18 17.50
N CYS B 141 -8.69 -5.32 16.81
CA CYS B 141 -7.86 -6.52 16.94
C CYS B 141 -7.46 -6.81 18.38
N TYR B 142 -7.77 -8.03 18.82
CA TYR B 142 -7.44 -8.53 20.16
C TYR B 142 -6.15 -9.37 20.16
N ILE B 143 -5.63 -9.64 18.96
CA ILE B 143 -4.43 -10.47 18.76
C ILE B 143 -3.14 -9.65 18.72
N CYS B 144 -3.01 -8.78 17.72
CA CYS B 144 -1.81 -7.98 17.47
C CYS B 144 -1.44 -7.06 18.61
N HIS B 145 -0.14 -7.02 18.86
CA HIS B 145 0.50 -6.23 19.88
C HIS B 145 0.52 -4.78 19.38
N ARG B 146 -0.05 -3.91 20.20
CA ARG B 146 -0.10 -2.46 19.97
C ARG B 146 0.99 -1.80 20.76
N GLN B 147 1.36 -0.58 20.36
CA GLN B 147 2.36 0.18 21.11
C GLN B 147 1.91 1.60 21.29
N MET B 148 2.18 2.17 22.47
CA MET B 148 1.92 3.56 22.73
C MET B 148 3.00 4.13 23.60
N LEU B 149 3.16 5.45 23.57
CA LEU B 149 4.16 6.10 24.38
C LEU B 149 3.51 6.79 25.56
N PHE B 150 4.24 6.84 26.67
CA PHE B 150 3.87 7.56 27.88
C PHE B 150 5.04 8.51 28.10
N CYS B 151 4.79 9.79 27.83
CA CYS B 151 5.77 10.85 27.62
C CYS B 151 5.81 11.89 28.68
N ARG B 152 7.02 12.46 28.95
CA ARG B 152 7.19 13.68 29.72
C ARG B 152 6.89 14.81 28.76
N VAL B 153 6.01 15.71 29.15
CA VAL B 153 5.62 16.83 28.29
C VAL B 153 5.75 18.10 29.08
N THR B 154 6.61 19.01 28.61
CA THR B 154 6.81 20.34 29.17
C THR B 154 5.66 21.23 28.69
N LEU B 155 4.75 21.60 29.62
CA LEU B 155 3.60 22.43 29.18
C LEU B 155 3.77 23.92 29.38
N GLY B 156 4.69 24.31 30.28
CA GLY B 156 4.83 25.72 30.69
C GLY B 156 3.48 26.32 31.02
N LYS B 157 3.25 27.52 30.50
CA LYS B 157 1.97 28.22 30.66
C LYS B 157 1.03 27.71 29.57
N SER B 158 -0.01 26.97 29.97
N SER B 158 0.01 26.94 29.97
CA SER B 158 -0.96 26.37 29.03
CA SER B 158 -0.96 26.40 29.00
C SER B 158 -2.16 27.27 28.67
C SER B 158 -2.03 27.43 28.64
N PHE B 159 -2.44 27.41 27.37
CA PHE B 159 -3.52 28.25 26.82
C PHE B 159 -4.75 27.33 26.71
N LEU B 160 -5.79 27.71 27.45
CA LEU B 160 -7.02 26.95 27.51
C LEU B 160 -7.93 27.25 26.34
N GLN B 161 -8.46 26.19 25.70
CA GLN B 161 -9.40 26.36 24.61
C GLN B 161 -10.48 25.26 24.67
N PHE B 162 -11.71 25.55 24.18
CA PHE B 162 -12.79 24.54 24.09
C PHE B 162 -13.12 24.18 22.62
N SER B 163 -12.77 25.05 21.65
CA SER B 163 -13.11 24.89 20.22
C SER B 163 -11.90 24.97 19.34
N THR B 164 -12.06 24.62 18.07
CA THR B 164 -11.02 24.68 17.03
C THR B 164 -10.33 26.03 16.97
N MET B 165 -9.00 26.01 17.01
CA MET B 165 -8.18 27.22 16.96
C MET B 165 -6.87 26.78 16.34
N LYS B 166 -6.79 26.91 15.00
CA LYS B 166 -5.65 26.39 14.27
C LYS B 166 -4.45 27.30 14.49
N MET B 167 -3.46 26.82 15.25
CA MET B 167 -2.24 27.58 15.56
C MET B 167 -1.06 27.01 14.76
N ALA B 168 -0.05 27.87 14.50
CA ALA B 168 1.20 27.40 13.96
C ALA B 168 2.18 27.24 15.14
N HIS B 169 2.04 28.10 16.18
CA HIS B 169 2.93 28.10 17.34
C HIS B 169 2.08 28.28 18.60
N ALA B 170 2.69 28.16 19.78
CA ALA B 170 1.90 28.42 20.98
C ALA B 170 1.42 29.90 20.94
N PRO B 171 0.27 30.22 21.55
CA PRO B 171 -0.17 31.63 21.61
C PRO B 171 0.84 32.50 22.36
N PRO B 172 0.94 33.81 22.06
CA PRO B 172 1.88 34.68 22.83
C PRO B 172 1.89 34.44 24.34
N GLY B 173 3.09 34.33 24.95
CA GLY B 173 3.27 34.15 26.37
C GLY B 173 2.97 32.76 26.92
N HIS B 174 2.61 31.82 26.04
CA HIS B 174 2.25 30.45 26.40
C HIS B 174 3.21 29.44 25.75
N HIS B 175 3.18 28.21 26.22
CA HIS B 175 4.05 27.11 25.77
C HIS B 175 3.29 25.87 25.34
N SER B 176 1.95 25.87 25.56
CA SER B 176 1.17 24.70 25.13
C SER B 176 -0.30 25.15 24.98
N VAL B 177 -1.12 24.29 24.44
CA VAL B 177 -2.57 24.52 24.32
C VAL B 177 -3.24 23.32 24.95
N ILE B 178 -4.24 23.54 25.82
N ILE B 178 -4.24 23.58 25.77
CA ILE B 178 -4.98 22.39 26.35
CA ILE B 178 -5.05 22.54 26.36
C ILE B 178 -6.43 22.54 25.87
C ILE B 178 -6.46 22.64 25.74
N GLY B 179 -6.93 21.54 25.15
CA GLY B 179 -8.31 21.49 24.68
C GLY B 179 -9.10 20.80 25.79
N ARG B 180 -10.03 21.49 26.44
CA ARG B 180 -10.78 20.81 27.51
C ARG B 180 -12.14 20.31 27.05
N PRO B 181 -12.66 19.23 27.69
CA PRO B 181 -13.96 18.70 27.25
C PRO B 181 -15.12 19.65 27.50
N SER B 182 -16.17 19.48 26.69
CA SER B 182 -17.41 20.23 26.84
C SER B 182 -18.55 19.39 26.26
N VAL B 183 -19.78 19.68 26.68
CA VAL B 183 -20.95 18.97 26.14
C VAL B 183 -20.94 18.97 24.58
N ASN B 184 -20.74 20.13 23.95
CA ASN B 184 -20.80 20.34 22.49
C ASN B 184 -19.48 20.21 21.75
N GLY B 185 -18.41 20.03 22.49
CA GLY B 185 -17.08 19.94 21.86
C GLY B 185 -16.36 18.65 22.15
N LEU B 186 -15.13 18.75 22.67
CA LEU B 186 -14.32 17.58 22.94
C LEU B 186 -14.96 16.63 23.99
N ALA B 187 -14.85 15.34 23.79
CA ALA B 187 -15.34 14.36 24.77
C ALA B 187 -14.27 14.24 25.88
N TYR B 188 -13.00 14.26 25.48
CA TYR B 188 -11.85 14.12 26.38
C TYR B 188 -10.78 15.16 26.05
N ALA B 189 -9.91 15.49 27.02
CA ALA B 189 -8.91 16.53 26.78
C ALA B 189 -7.85 16.15 25.78
N GLU B 190 -7.15 17.17 25.26
CA GLU B 190 -5.97 16.95 24.45
C GLU B 190 -5.02 18.08 24.67
N TYR B 191 -3.75 17.76 24.71
CA TYR B 191 -2.66 18.66 25.04
C TYR B 191 -1.81 18.82 23.78
N VAL B 192 -1.40 20.05 23.46
CA VAL B 192 -0.67 20.28 22.22
C VAL B 192 0.55 21.17 22.49
N ILE B 193 1.70 20.77 21.94
CA ILE B 193 2.93 21.59 22.01
C ILE B 193 3.33 21.82 20.58
N TYR B 194 4.14 22.84 20.38
CA TYR B 194 4.54 23.21 19.01
C TYR B 194 6.04 23.15 18.75
N ARG B 195 6.77 22.48 19.64
CA ARG B 195 8.21 22.23 19.56
C ARG B 195 8.43 20.77 19.94
N GLY B 196 9.13 20.02 19.10
CA GLY B 196 9.40 18.61 19.42
C GLY B 196 10.18 18.41 20.72
N GLU B 197 11.01 19.40 21.10
CA GLU B 197 11.86 19.25 22.29
C GLU B 197 11.08 19.51 23.60
N GLN B 198 9.73 19.78 23.51
CA GLN B 198 8.90 19.90 24.71
C GLN B 198 8.28 18.56 25.10
N ALA B 199 8.69 17.44 24.45
CA ALA B 199 8.25 16.11 24.86
C ALA B 199 9.41 15.13 24.75
N TYR B 200 9.43 14.18 25.68
CA TYR B 200 10.41 13.10 25.73
C TYR B 200 9.62 11.77 25.76
N PRO B 201 9.89 10.88 24.79
CA PRO B 201 9.13 9.61 24.70
C PRO B 201 9.65 8.60 25.75
N GLU B 202 9.37 8.87 27.03
CA GLU B 202 9.94 8.16 28.18
C GLU B 202 9.67 6.66 28.23
N TYR B 203 8.42 6.26 28.03
CA TYR B 203 8.09 4.84 28.10
C TYR B 203 7.46 4.33 26.83
N LEU B 204 7.86 3.13 26.39
CA LEU B 204 7.30 2.44 25.24
C LEU B 204 6.49 1.27 25.84
N ILE B 205 5.16 1.33 25.69
CA ILE B 205 4.25 0.31 26.22
C ILE B 205 3.79 -0.58 25.09
N THR B 206 3.99 -1.91 25.24
CA THR B 206 3.50 -2.91 24.29
C THR B 206 2.32 -3.56 24.98
N TYR B 207 1.17 -3.59 24.29
CA TYR B 207 -0.04 -4.06 24.92
C TYR B 207 -1.03 -4.64 23.93
N GLN B 208 -2.10 -5.21 24.46
CA GLN B 208 -3.23 -5.67 23.69
C GLN B 208 -4.47 -5.06 24.30
N ILE B 209 -5.47 -4.76 23.48
CA ILE B 209 -6.77 -4.39 24.05
C ILE B 209 -7.48 -5.71 24.41
N MET B 210 -8.23 -5.75 25.51
CA MET B 210 -8.88 -6.99 25.95
C MET B 210 -10.37 -7.01 25.65
N LYS B 211 -10.87 -8.10 25.02
CA LYS B 211 -12.32 -8.22 24.72
C LYS B 211 -13.12 -8.27 26.05
N PRO B 212 -14.21 -7.47 26.23
CA PRO B 212 -14.97 -7.54 27.50
C PRO B 212 -15.56 -8.94 27.76
N GLU B 213 -15.58 -9.37 29.03
CA GLU B 213 -16.09 -10.67 29.47
C GLU B 213 -17.62 -10.72 29.32
N GLY C 4 20.46 -10.79 0.97
CA GLY C 4 19.75 -9.97 -0.01
C GLY C 4 20.60 -9.46 -1.15
N THR C 5 20.01 -8.63 -2.03
CA THR C 5 20.69 -8.08 -3.20
C THR C 5 21.46 -6.80 -2.89
N ILE C 6 22.69 -6.74 -3.39
CA ILE C 6 23.54 -5.54 -3.32
C ILE C 6 23.81 -5.15 -4.77
N LEU C 7 23.80 -3.85 -5.06
CA LEU C 7 24.11 -3.35 -6.40
C LEU C 7 25.50 -2.73 -6.36
N LEU C 8 26.38 -3.12 -7.28
CA LEU C 8 27.72 -2.53 -7.32
C LEU C 8 27.91 -1.82 -8.63
N ASP C 9 28.22 -0.50 -8.58
CA ASP C 9 28.45 0.28 -9.79
C ASP C 9 29.70 -0.14 -10.54
N LEU C 10 29.57 -0.30 -11.86
CA LEU C 10 30.73 -0.53 -12.70
C LEU C 10 31.21 0.86 -13.12
N ALA C 11 32.52 1.05 -13.13
CA ALA C 11 33.10 2.33 -13.55
C ALA C 11 33.20 2.34 -15.09
N PRO C 12 32.84 3.46 -15.78
CA PRO C 12 32.96 3.49 -17.25
C PRO C 12 34.36 3.23 -17.82
N GLU C 13 35.41 3.37 -16.99
CA GLU C 13 36.82 3.13 -17.35
C GLU C 13 37.12 1.63 -17.48
N ASP C 14 36.41 0.80 -16.67
CA ASP C 14 36.53 -0.65 -16.60
C ASP C 14 36.05 -1.31 -17.90
N LYS C 15 36.77 -2.36 -18.33
CA LYS C 15 36.47 -3.15 -19.54
C LYS C 15 35.09 -3.84 -19.44
N GLU C 16 34.68 -4.25 -18.23
CA GLU C 16 33.38 -4.89 -17.98
C GLU C 16 32.20 -3.99 -18.41
N TYR C 17 32.22 -2.70 -17.99
CA TYR C 17 31.19 -1.69 -18.32
C TYR C 17 31.15 -1.48 -19.85
N GLN C 18 32.35 -1.33 -20.45
CA GLN C 18 32.54 -1.12 -21.89
C GLN C 18 32.00 -2.26 -22.73
N SER C 19 32.21 -3.52 -22.27
N SER C 19 32.21 -3.53 -22.27
CA SER C 19 31.74 -4.75 -22.90
CA SER C 19 31.73 -4.76 -22.92
C SER C 19 30.20 -4.80 -22.92
C SER C 19 30.20 -4.82 -22.91
N VAL C 20 29.57 -4.41 -21.79
CA VAL C 20 28.10 -4.40 -21.62
C VAL C 20 27.45 -3.33 -22.48
N GLU C 21 27.99 -2.09 -22.44
CA GLU C 21 27.47 -0.99 -23.23
C GLU C 21 27.60 -1.32 -24.75
N GLU C 22 28.77 -1.83 -25.19
CA GLU C 22 29.03 -2.20 -26.59
C GLU C 22 27.96 -3.19 -27.08
N GLU C 23 27.71 -4.29 -26.31
CA GLU C 23 26.72 -5.30 -26.68
C GLU C 23 25.31 -4.70 -26.74
N MET C 24 25.01 -3.73 -25.86
CA MET C 24 23.72 -3.05 -25.85
C MET C 24 23.56 -2.12 -27.08
N GLN C 25 24.54 -1.21 -27.29
CA GLN C 25 24.54 -0.26 -28.41
C GLN C 25 24.49 -0.94 -29.78
N SER C 26 25.24 -2.04 -29.94
CA SER C 26 25.37 -2.82 -31.19
C SER C 26 24.16 -3.71 -31.54
N THR C 27 23.20 -3.85 -30.62
CA THR C 27 22.05 -4.73 -30.88
C THR C 27 20.74 -3.94 -30.96
N ILE C 28 20.80 -2.70 -31.47
CA ILE C 28 19.60 -1.89 -31.69
C ILE C 28 19.11 -2.29 -33.07
N ARG C 29 17.84 -2.66 -33.18
CA ARG C 29 17.28 -3.12 -34.46
C ARG C 29 15.99 -2.46 -34.84
N GLU C 30 15.80 -2.34 -36.16
CA GLU C 30 14.61 -1.76 -36.80
C GLU C 30 13.47 -2.75 -36.53
N HIS C 31 12.42 -2.28 -35.85
CA HIS C 31 11.29 -3.15 -35.52
C HIS C 31 10.05 -2.90 -36.41
N ARG C 32 9.23 -3.96 -36.58
CA ARG C 32 8.01 -3.95 -37.40
C ARG C 32 6.99 -2.92 -36.93
N ASP C 33 6.86 -2.75 -35.60
CA ASP C 33 5.91 -1.85 -34.93
C ASP C 33 6.11 -0.34 -35.22
N GLY C 34 7.22 0.02 -35.86
CA GLY C 34 7.55 1.41 -36.18
C GLY C 34 7.92 2.27 -34.98
N GLY C 35 8.39 1.62 -33.90
CA GLY C 35 8.81 2.28 -32.67
C GLY C 35 7.67 2.65 -31.74
N ASN C 36 6.47 2.08 -31.94
CA ASN C 36 5.29 2.37 -31.12
C ASN C 36 5.43 1.91 -29.68
N ALA C 37 6.00 0.71 -29.46
CA ALA C 37 6.19 0.13 -28.13
C ALA C 37 7.34 0.77 -27.33
N GLY C 38 8.56 0.74 -27.88
CA GLY C 38 9.76 1.22 -27.19
C GLY C 38 10.23 2.63 -27.48
N GLY C 39 9.94 3.13 -28.68
CA GLY C 39 10.38 4.45 -29.13
C GLY C 39 11.21 4.44 -30.40
N ILE C 40 11.60 5.63 -30.91
CA ILE C 40 12.44 5.78 -32.11
C ILE C 40 13.80 6.30 -31.66
N PHE C 41 14.89 5.57 -32.00
CA PHE C 41 16.28 5.86 -31.59
C PHE C 41 17.27 5.02 -32.39
N ASN C 42 18.56 5.43 -32.39
CA ASN C 42 19.66 4.73 -33.08
C ASN C 42 20.81 4.42 -32.09
N ARG C 43 20.74 5.00 -30.89
CA ARG C 43 21.76 4.85 -29.86
C ARG C 43 21.10 5.09 -28.51
N TYR C 44 21.74 4.62 -27.42
CA TYR C 44 21.26 4.84 -26.07
C TYR C 44 22.24 5.77 -25.37
N ASN C 45 21.79 6.40 -24.29
CA ASN C 45 22.68 7.12 -23.40
C ASN C 45 22.72 6.28 -22.15
N VAL C 46 23.80 5.53 -21.94
CA VAL C 46 23.95 4.69 -20.75
C VAL C 46 24.27 5.60 -19.55
N ILE C 47 23.36 5.63 -18.57
CA ILE C 47 23.51 6.45 -17.34
C ILE C 47 24.45 5.73 -16.36
N ARG C 48 24.19 4.44 -16.10
CA ARG C 48 25.02 3.61 -15.22
C ARG C 48 24.79 2.12 -15.45
N ILE C 49 25.78 1.31 -15.08
CA ILE C 49 25.70 -0.15 -15.15
C ILE C 49 26.07 -0.66 -13.77
N GLN C 50 25.17 -1.47 -13.17
CA GLN C 50 25.37 -2.06 -11.86
C GLN C 50 25.37 -3.57 -11.95
N LYS C 51 26.29 -4.21 -11.24
CA LYS C 51 26.34 -5.65 -11.10
C LYS C 51 25.38 -6.03 -9.97
N VAL C 52 24.55 -7.06 -10.20
CA VAL C 52 23.59 -7.52 -9.21
C VAL C 52 24.24 -8.64 -8.45
N VAL C 53 24.40 -8.43 -7.15
CA VAL C 53 25.05 -9.44 -6.31
C VAL C 53 24.05 -10.00 -5.33
N ASN C 54 23.77 -11.30 -5.47
CA ASN C 54 22.85 -12.01 -4.59
C ASN C 54 23.36 -13.43 -4.44
N LYS C 55 23.96 -13.73 -3.27
CA LYS C 55 24.61 -15.00 -2.95
C LYS C 55 23.64 -16.19 -3.11
N LYS C 56 22.46 -16.10 -2.51
CA LYS C 56 21.43 -17.15 -2.58
C LYS C 56 20.95 -17.39 -4.01
N LEU C 57 20.66 -16.33 -4.77
CA LEU C 57 20.23 -16.44 -6.17
C LEU C 57 21.34 -17.07 -7.01
N ARG C 58 22.61 -16.68 -6.75
CA ARG C 58 23.76 -17.27 -7.43
C ARG C 58 23.84 -18.79 -7.17
N GLU C 59 23.65 -19.21 -5.91
CA GLU C 59 23.67 -20.63 -5.54
C GLU C 59 22.56 -21.41 -6.29
N ARG C 60 21.34 -20.87 -6.37
CA ARG C 60 20.23 -21.57 -7.07
C ARG C 60 20.53 -21.70 -8.56
N PHE C 61 21.05 -20.62 -9.15
CA PHE C 61 21.41 -20.59 -10.56
C PHE C 61 22.54 -21.59 -10.86
N CYS C 62 23.60 -21.61 -10.02
CA CYS C 62 24.72 -22.51 -10.22
C CYS C 62 24.35 -23.95 -10.04
N HIS C 63 23.49 -24.21 -9.05
CA HIS C 63 23.02 -25.59 -8.84
C HIS C 63 22.24 -26.10 -10.05
N ARG C 64 21.38 -25.26 -10.63
CA ARG C 64 20.61 -25.65 -11.82
C ARG C 64 21.52 -25.82 -13.05
N GLN C 65 22.60 -25.03 -13.16
CA GLN C 65 23.58 -25.18 -14.26
C GLN C 65 24.19 -26.59 -14.25
N LYS C 66 24.56 -27.09 -13.05
CA LYS C 66 25.13 -28.44 -12.83
C LYS C 66 24.12 -29.49 -13.32
N GLU C 67 22.82 -29.34 -12.93
CA GLU C 67 21.76 -30.25 -13.37
C GLU C 67 21.59 -30.27 -14.89
N VAL C 68 21.56 -29.10 -15.53
CA VAL C 68 21.38 -28.97 -16.98
C VAL C 68 22.59 -29.59 -17.70
N SER C 69 23.80 -29.28 -17.18
CA SER C 69 25.07 -29.81 -17.68
C SER C 69 25.02 -31.32 -17.74
N GLU C 70 24.56 -31.96 -16.66
CA GLU C 70 24.46 -33.44 -16.64
C GLU C 70 23.53 -34.00 -17.70
N GLU C 71 22.42 -33.28 -17.98
CA GLU C 71 21.42 -33.66 -18.98
C GLU C 71 21.77 -33.23 -20.41
N ASN C 72 22.89 -32.52 -20.58
CA ASN C 72 23.25 -32.01 -21.91
C ASN C 72 24.72 -32.25 -22.29
N HIS C 73 25.19 -33.49 -22.05
CA HIS C 73 26.56 -33.92 -22.37
C HIS C 73 27.62 -32.98 -21.80
N ASN C 74 27.45 -32.60 -20.53
CA ASN C 74 28.35 -31.78 -19.75
C ASN C 74 28.48 -30.33 -20.26
N HIS C 75 27.43 -29.78 -20.90
CA HIS C 75 27.41 -28.41 -21.39
C HIS C 75 26.18 -27.66 -20.89
N HIS C 76 26.36 -26.67 -20.02
CA HIS C 76 25.18 -25.92 -19.57
C HIS C 76 24.70 -24.96 -20.64
N ASN C 77 25.58 -24.58 -21.62
CA ASN C 77 25.23 -23.73 -22.75
C ASN C 77 24.66 -22.34 -22.31
N GLU C 78 25.48 -21.58 -21.62
CA GLU C 78 25.10 -20.25 -21.15
C GLU C 78 25.21 -19.21 -22.27
N ARG C 79 24.25 -18.29 -22.33
CA ARG C 79 24.22 -17.17 -23.29
C ARG C 79 23.87 -15.90 -22.52
N MET C 80 24.46 -14.76 -22.92
CA MET C 80 24.16 -13.46 -22.32
C MET C 80 23.01 -12.86 -23.15
N LEU C 81 21.90 -12.54 -22.51
CA LEU C 81 20.69 -12.05 -23.21
C LEU C 81 20.02 -10.94 -22.42
N PHE C 82 19.27 -10.06 -23.11
CA PHE C 82 18.55 -8.94 -22.50
C PHE C 82 17.12 -9.31 -22.08
N HIS C 83 16.64 -8.63 -21.04
CA HIS C 83 15.28 -8.77 -20.53
C HIS C 83 14.77 -7.41 -20.04
N GLY C 84 13.57 -7.01 -20.53
CA GLY C 84 12.87 -5.78 -20.17
C GLY C 84 11.58 -6.09 -19.45
N SER C 85 11.34 -5.43 -18.32
CA SER C 85 10.17 -5.64 -17.49
C SER C 85 9.93 -4.50 -16.50
N PRO C 86 8.67 -4.06 -16.35
CA PRO C 86 8.37 -3.07 -15.31
C PRO C 86 8.60 -3.61 -13.89
N PHE C 87 8.78 -4.96 -13.75
CA PHE C 87 8.97 -5.64 -12.48
C PHE C 87 10.44 -5.94 -12.22
N ILE C 88 11.31 -5.10 -12.80
CA ILE C 88 12.77 -5.23 -12.72
C ILE C 88 13.25 -5.25 -11.26
N ASN C 89 12.64 -4.42 -10.37
CA ASN C 89 12.94 -4.36 -8.94
C ASN C 89 12.72 -5.72 -8.27
N ALA C 90 11.57 -6.36 -8.54
CA ALA C 90 11.30 -7.69 -7.97
C ALA C 90 12.29 -8.73 -8.52
N ILE C 91 12.65 -8.64 -9.83
CA ILE C 91 13.59 -9.61 -10.44
C ILE C 91 14.97 -9.47 -9.76
N ILE C 92 15.50 -8.24 -9.64
CA ILE C 92 16.85 -8.12 -9.05
C ILE C 92 16.89 -8.54 -7.56
N HIS C 93 15.76 -8.52 -6.84
CA HIS C 93 15.72 -8.92 -5.42
C HIS C 93 15.38 -10.38 -5.16
N LYS C 94 14.51 -10.99 -5.99
CA LYS C 94 14.13 -12.39 -5.78
C LYS C 94 14.46 -13.32 -6.95
N GLY C 95 14.97 -12.75 -8.03
CA GLY C 95 15.29 -13.51 -9.24
C GLY C 95 14.07 -13.66 -10.15
N PHE C 96 14.29 -14.27 -11.34
CA PHE C 96 13.22 -14.57 -12.30
C PHE C 96 12.31 -15.64 -11.71
N ASP C 97 11.01 -15.53 -12.02
CA ASP C 97 10.03 -16.45 -11.46
C ASP C 97 9.10 -16.91 -12.56
N GLU C 98 9.19 -18.23 -12.90
CA GLU C 98 8.35 -18.82 -13.95
C GLU C 98 6.87 -18.79 -13.59
N ARG C 99 6.52 -18.58 -12.27
CA ARG C 99 5.12 -18.49 -11.90
C ARG C 99 4.50 -17.24 -12.53
N HIS C 100 5.34 -16.24 -12.94
CA HIS C 100 4.92 -15.02 -13.63
C HIS C 100 5.30 -15.07 -15.12
N ALA C 101 5.47 -16.29 -15.67
CA ALA C 101 5.80 -16.53 -17.08
C ALA C 101 4.79 -15.83 -17.97
N TYR C 102 5.23 -15.43 -19.18
CA TYR C 102 4.38 -14.73 -20.14
C TYR C 102 3.31 -15.67 -20.74
N ILE C 103 2.09 -15.60 -20.21
CA ILE C 103 0.93 -16.41 -20.67
C ILE C 103 0.64 -16.22 -22.16
N GLY C 104 0.69 -14.98 -22.62
CA GLY C 104 0.41 -14.62 -24.01
C GLY C 104 1.57 -14.81 -24.97
N GLY C 105 2.67 -15.39 -24.48
CA GLY C 105 3.84 -15.62 -25.33
C GLY C 105 3.59 -16.62 -26.43
N MET C 106 4.21 -16.37 -27.58
CA MET C 106 4.14 -17.17 -28.80
C MET C 106 4.71 -18.58 -28.59
N PHE C 107 5.69 -18.72 -27.68
CA PHE C 107 6.32 -20.00 -27.43
C PHE C 107 5.94 -20.60 -26.07
N GLY C 108 4.78 -20.21 -25.58
CA GLY C 108 4.26 -20.74 -24.33
C GLY C 108 4.57 -19.94 -23.08
N ALA C 109 4.21 -20.52 -21.94
CA ALA C 109 4.37 -19.88 -20.64
C ALA C 109 5.77 -20.03 -20.09
N GLY C 110 6.68 -19.27 -20.70
CA GLY C 110 8.09 -19.23 -20.29
C GLY C 110 8.53 -17.81 -19.95
N ILE C 111 9.82 -17.68 -19.62
CA ILE C 111 10.48 -16.42 -19.34
C ILE C 111 11.25 -16.08 -20.61
N TYR C 112 10.97 -14.89 -21.15
CA TYR C 112 11.40 -14.48 -22.48
C TYR C 112 12.58 -13.54 -22.45
N PHE C 113 13.57 -13.80 -23.32
CA PHE C 113 14.83 -13.03 -23.45
C PHE C 113 15.10 -12.76 -24.90
N ALA C 114 15.88 -11.68 -25.15
CA ALA C 114 16.23 -11.29 -26.51
C ALA C 114 17.73 -11.06 -26.66
N GLU C 115 18.27 -11.36 -27.85
CA GLU C 115 19.67 -11.05 -28.12
C GLU C 115 19.82 -9.52 -28.39
N ASN C 116 18.73 -8.86 -28.83
CA ASN C 116 18.71 -7.42 -29.11
C ASN C 116 18.11 -6.60 -28.01
N SER C 117 18.92 -5.63 -27.51
CA SER C 117 18.53 -4.70 -26.46
C SER C 117 17.23 -3.92 -26.83
N SER C 118 17.10 -3.50 -28.09
CA SER C 118 15.91 -2.78 -28.61
C SER C 118 14.61 -3.57 -28.45
N LYS C 119 14.69 -4.91 -28.58
CA LYS C 119 13.54 -5.79 -28.36
C LYS C 119 13.12 -5.70 -26.88
N SER C 120 14.07 -5.86 -25.92
CA SER C 120 13.78 -5.78 -24.48
C SER C 120 13.28 -4.38 -24.06
N ASN C 121 13.76 -3.32 -24.76
CA ASN C 121 13.34 -1.94 -24.48
C ASN C 121 11.80 -1.76 -24.72
N GLN C 122 11.20 -2.59 -25.64
CA GLN C 122 9.75 -2.59 -25.95
C GLN C 122 8.90 -3.07 -24.77
N TYR C 123 9.52 -3.71 -23.75
CA TYR C 123 8.78 -4.28 -22.62
C TYR C 123 9.03 -3.58 -21.30
N VAL C 124 9.94 -2.59 -21.31
CA VAL C 124 10.36 -1.81 -20.14
C VAL C 124 9.14 -1.22 -19.38
N TYR C 125 8.19 -0.60 -20.11
CA TYR C 125 7.00 0.00 -19.48
C TYR C 125 5.73 -0.89 -19.53
N GLY C 126 5.90 -2.13 -19.99
CA GLY C 126 4.80 -3.10 -20.07
C GLY C 126 4.66 -3.69 -21.45
N ILE C 127 3.62 -4.50 -21.63
CA ILE C 127 3.29 -5.15 -22.91
C ILE C 127 2.97 -4.06 -23.92
N GLY C 128 3.68 -4.08 -25.05
CA GLY C 128 3.53 -3.09 -26.11
C GLY C 128 3.91 -1.69 -25.66
N GLY C 129 4.74 -1.61 -24.62
CA GLY C 129 5.18 -0.37 -23.99
C GLY C 129 4.21 0.16 -22.95
N GLY C 130 3.08 -0.52 -22.76
CA GLY C 130 2.03 -0.12 -21.83
C GLY C 130 1.59 1.32 -22.04
N THR C 131 1.58 2.11 -20.96
CA THR C 131 1.23 3.54 -21.03
C THR C 131 2.49 4.44 -21.04
N GLY C 132 3.66 3.84 -21.26
CA GLY C 132 4.93 4.55 -21.28
C GLY C 132 5.42 4.94 -19.90
N CYS C 133 6.25 6.01 -19.82
CA CYS C 133 6.81 6.53 -18.56
C CYS C 133 5.70 7.00 -17.60
N PRO C 134 5.87 6.86 -16.26
CA PRO C 134 4.78 7.29 -15.35
C PRO C 134 4.48 8.80 -15.38
N THR C 135 5.53 9.63 -15.52
CA THR C 135 5.48 11.09 -15.50
C THR C 135 4.77 11.73 -16.72
N HIS C 136 5.25 11.42 -17.95
CA HIS C 136 4.72 12.02 -19.18
C HIS C 136 3.77 11.10 -19.96
N LYS C 137 3.54 9.86 -19.47
CA LYS C 137 2.70 8.82 -20.11
C LYS C 137 3.06 8.65 -21.60
N ASP C 138 4.38 8.69 -21.90
CA ASP C 138 4.95 8.57 -23.24
C ASP C 138 5.83 7.32 -23.35
N ARG C 139 5.57 6.49 -24.38
CA ARG C 139 6.34 5.28 -24.67
C ARG C 139 7.70 5.61 -25.27
N SER C 140 7.82 6.77 -25.96
CA SER C 140 9.05 7.22 -26.64
C SER C 140 9.80 8.36 -25.90
N CYS C 141 9.57 8.49 -24.57
CA CYS C 141 10.17 9.51 -23.71
C CYS C 141 11.70 9.48 -23.70
N TYR C 142 12.33 10.62 -24.08
CA TYR C 142 13.80 10.78 -24.13
C TYR C 142 14.34 11.44 -22.85
N ILE C 143 13.45 11.78 -21.91
CA ILE C 143 13.80 12.45 -20.66
C ILE C 143 14.02 11.44 -19.53
N CYS C 144 12.99 10.63 -19.24
CA CYS C 144 12.96 9.64 -18.17
C CYS C 144 13.99 8.53 -18.32
N HIS C 145 14.54 8.10 -17.17
CA HIS C 145 15.54 7.04 -17.11
C HIS C 145 14.84 5.69 -17.16
N ARG C 146 15.24 4.84 -18.11
CA ARG C 146 14.76 3.46 -18.32
C ARG C 146 15.78 2.49 -17.72
N GLN C 147 15.36 1.25 -17.44
CA GLN C 147 16.25 0.22 -16.92
C GLN C 147 15.95 -1.08 -17.62
N MET C 148 16.99 -1.88 -17.86
CA MET C 148 16.85 -3.22 -18.44
C MET C 148 17.92 -4.12 -17.88
N LEU C 149 17.74 -5.42 -18.06
CA LEU C 149 18.72 -6.38 -17.53
C LEU C 149 19.50 -7.07 -18.65
N PHE C 150 20.81 -7.33 -18.40
CA PHE C 150 21.67 -8.11 -19.26
C PHE C 150 22.00 -9.32 -18.39
N CYS C 151 21.46 -10.48 -18.81
CA CYS C 151 21.40 -11.70 -18.00
C CYS C 151 22.23 -12.85 -18.47
N ARG C 152 22.68 -13.70 -17.51
CA ARG C 152 23.31 -14.98 -17.85
C ARG C 152 22.14 -15.95 -17.98
N VAL C 153 21.97 -16.60 -19.13
CA VAL C 153 20.84 -17.53 -19.32
C VAL C 153 21.34 -18.94 -19.64
N THR C 154 20.95 -19.90 -18.78
CA THR C 154 21.26 -21.30 -18.98
C THR C 154 20.29 -21.89 -20.01
N LEU C 155 20.79 -22.18 -21.20
CA LEU C 155 19.99 -22.74 -22.27
C LEU C 155 19.99 -24.26 -22.36
N GLY C 156 21.08 -24.92 -21.93
CA GLY C 156 21.20 -26.37 -22.03
C GLY C 156 20.92 -26.79 -23.46
N LYS C 157 20.12 -27.85 -23.64
CA LYS C 157 19.75 -28.31 -24.96
C LYS C 157 18.55 -27.49 -25.39
N SER C 158 18.74 -26.64 -26.41
CA SER C 158 17.64 -25.82 -26.91
C SER C 158 16.80 -26.50 -27.94
N PHE C 159 15.47 -26.31 -27.84
CA PHE C 159 14.55 -26.81 -28.87
C PHE C 159 14.24 -25.69 -29.84
N LEU C 160 14.57 -25.87 -31.14
CA LEU C 160 14.27 -24.85 -32.15
C LEU C 160 12.83 -25.00 -32.62
N GLN C 161 12.04 -24.01 -32.35
CA GLN C 161 10.60 -23.99 -32.65
C GLN C 161 10.31 -22.97 -33.73
N PHE C 162 10.03 -23.45 -34.95
CA PHE C 162 9.67 -22.55 -36.05
C PHE C 162 8.15 -22.26 -35.95
N SER C 163 7.78 -20.98 -35.79
N SER C 163 7.77 -20.98 -35.80
CA SER C 163 6.40 -20.49 -35.65
CA SER C 163 6.39 -20.47 -35.66
C SER C 163 5.78 -20.80 -34.27
C SER C 163 5.76 -20.81 -34.29
N THR C 164 4.67 -20.13 -33.93
CA THR C 164 3.93 -20.27 -32.64
C THR C 164 3.70 -21.70 -32.20
N MET C 165 3.98 -21.98 -30.91
CA MET C 165 3.74 -23.28 -30.28
C MET C 165 3.68 -23.04 -28.80
N LYS C 166 2.48 -23.10 -28.26
CA LYS C 166 2.31 -22.86 -26.85
C LYS C 166 2.66 -24.12 -26.06
N MET C 167 3.60 -23.97 -25.15
CA MET C 167 4.03 -25.07 -24.28
C MET C 167 4.26 -24.57 -22.85
N ALA C 168 4.06 -25.44 -21.88
CA ALA C 168 4.20 -25.07 -20.50
C ALA C 168 5.62 -25.25 -20.02
N HIS C 169 6.37 -26.22 -20.62
CA HIS C 169 7.77 -26.51 -20.22
C HIS C 169 8.56 -26.79 -21.49
N ALA C 170 9.92 -26.90 -21.43
CA ALA C 170 10.72 -27.17 -22.60
C ALA C 170 10.32 -28.61 -23.00
N PRO C 171 10.42 -28.98 -24.27
CA PRO C 171 10.06 -30.36 -24.65
C PRO C 171 10.96 -31.40 -23.99
N PRO C 172 10.50 -32.69 -23.92
CA PRO C 172 11.35 -33.74 -23.35
C PRO C 172 12.81 -33.70 -23.80
N GLY C 173 13.70 -33.83 -22.83
CA GLY C 173 15.16 -33.84 -22.99
C GLY C 173 15.77 -32.45 -23.24
N HIS C 174 14.93 -31.39 -23.28
CA HIS C 174 15.43 -30.01 -23.54
C HIS C 174 15.31 -29.11 -22.33
N HIS C 175 15.99 -27.95 -22.37
CA HIS C 175 16.04 -27.01 -21.25
C HIS C 175 15.61 -25.61 -21.62
N SER C 176 15.36 -25.36 -22.90
CA SER C 176 14.97 -24.05 -23.42
C SER C 176 14.39 -24.21 -24.80
N VAL C 177 13.77 -23.15 -25.28
CA VAL C 177 13.19 -23.06 -26.59
C VAL C 177 13.71 -21.81 -27.26
N ILE C 178 14.20 -21.96 -28.49
N ILE C 178 14.23 -21.91 -28.48
CA ILE C 178 14.59 -20.82 -29.33
CA ILE C 178 14.62 -20.71 -29.24
C ILE C 178 13.49 -20.75 -30.36
C ILE C 178 13.59 -20.66 -30.36
N GLY C 179 12.62 -19.78 -30.17
CA GLY C 179 11.45 -19.62 -31.02
C GLY C 179 11.64 -18.66 -32.16
N ARG C 180 11.20 -19.07 -33.35
CA ARG C 180 11.28 -18.21 -34.52
C ARG C 180 9.87 -17.63 -34.84
N PRO C 181 9.56 -16.35 -34.56
CA PRO C 181 8.25 -15.82 -34.94
C PRO C 181 8.08 -15.86 -36.47
N SER C 182 6.90 -16.28 -36.93
CA SER C 182 6.62 -16.42 -38.33
C SER C 182 5.22 -15.90 -38.63
N VAL C 183 5.13 -14.60 -38.92
CA VAL C 183 3.90 -13.86 -39.24
C VAL C 183 4.25 -12.91 -40.40
N ASN C 184 3.88 -13.28 -41.65
CA ASN C 184 4.14 -12.53 -42.89
C ASN C 184 5.64 -12.14 -42.90
N GLY C 185 6.48 -13.14 -42.74
CA GLY C 185 7.92 -12.98 -42.64
C GLY C 185 8.40 -13.45 -41.28
N LEU C 186 9.71 -13.36 -41.05
CA LEU C 186 10.28 -13.81 -39.78
C LEU C 186 10.63 -12.63 -38.87
N ALA C 187 11.14 -12.91 -37.67
CA ALA C 187 11.60 -11.89 -36.75
C ALA C 187 12.83 -12.48 -36.03
N TYR C 188 13.45 -11.70 -35.15
CA TYR C 188 14.61 -12.20 -34.39
C TYR C 188 14.10 -13.27 -33.39
N ALA C 189 14.98 -14.22 -33.08
CA ALA C 189 14.72 -15.36 -32.19
C ALA C 189 14.30 -14.87 -30.81
N GLU C 190 13.40 -15.62 -30.19
CA GLU C 190 12.97 -15.38 -28.81
C GLU C 190 13.51 -16.55 -28.00
N TYR C 191 14.32 -16.24 -26.97
CA TYR C 191 14.96 -17.25 -26.11
C TYR C 191 14.07 -17.47 -24.88
N VAL C 192 13.57 -18.72 -24.71
CA VAL C 192 12.59 -18.99 -23.68
C VAL C 192 13.08 -20.09 -22.77
N ILE C 193 13.05 -19.80 -21.47
CA ILE C 193 13.35 -20.75 -20.40
C ILE C 193 12.07 -20.92 -19.58
N TYR C 194 11.92 -22.05 -18.92
CA TYR C 194 10.65 -22.33 -18.25
C TYR C 194 10.84 -22.51 -16.75
N ARG C 195 12.04 -22.15 -16.25
CA ARG C 195 12.39 -22.21 -14.84
C ARG C 195 13.13 -20.91 -14.51
N GLY C 196 12.74 -20.23 -13.43
CA GLY C 196 13.40 -18.98 -13.07
C GLY C 196 14.88 -19.10 -12.72
N GLU C 197 15.31 -20.27 -12.23
CA GLU C 197 16.73 -20.46 -11.83
C GLU C 197 17.65 -20.74 -13.05
N GLN C 198 17.07 -20.68 -14.25
CA GLN C 198 17.89 -20.78 -15.47
C GLN C 198 18.34 -19.40 -15.98
N ALA C 199 18.15 -18.32 -15.17
CA ALA C 199 18.65 -16.99 -15.57
C ALA C 199 19.13 -16.26 -14.34
N TYR C 200 20.22 -15.50 -14.50
CA TYR C 200 20.72 -14.70 -13.39
C TYR C 200 20.75 -13.26 -13.90
N PRO C 201 20.12 -12.30 -13.18
CA PRO C 201 20.10 -10.91 -13.69
C PRO C 201 21.44 -10.22 -13.38
N GLU C 202 22.47 -10.56 -14.15
CA GLU C 202 23.86 -10.09 -13.93
C GLU C 202 24.04 -8.56 -13.87
N TYR C 203 23.56 -7.84 -14.89
CA TYR C 203 23.72 -6.39 -14.98
C TYR C 203 22.39 -5.68 -15.04
N LEU C 204 22.32 -4.54 -14.31
CA LEU C 204 21.17 -3.65 -14.30
C LEU C 204 21.67 -2.41 -15.04
N ILE C 205 21.09 -2.15 -16.20
CA ILE C 205 21.49 -1.02 -17.03
C ILE C 205 20.47 0.09 -16.88
N THR C 206 20.93 1.30 -16.47
CA THR C 206 20.07 2.49 -16.38
C THR C 206 20.44 3.32 -17.61
N TYR C 207 19.43 3.71 -18.40
CA TYR C 207 19.73 4.37 -19.65
C TYR C 207 18.60 5.27 -20.13
N GLN C 208 18.87 5.96 -21.25
CA GLN C 208 17.91 6.77 -21.97
C GLN C 208 18.00 6.39 -23.43
N ILE C 209 16.89 6.48 -24.16
CA ILE C 209 16.90 6.29 -25.60
C ILE C 209 17.33 7.68 -26.14
N MET C 210 18.16 7.72 -27.17
CA MET C 210 18.62 9.00 -27.72
C MET C 210 17.87 9.38 -28.97
N LYS C 211 17.34 10.62 -29.02
CA LYS C 211 16.63 11.15 -30.18
C LYS C 211 17.57 11.24 -31.38
N PRO C 212 17.20 10.68 -32.57
CA PRO C 212 18.11 10.76 -33.73
C PRO C 212 18.12 12.18 -34.33
N GLU C 213 18.97 12.41 -35.36
CA GLU C 213 19.01 13.71 -36.03
C GLU C 213 18.69 13.58 -37.50
ZN ZN D . -20.36 16.49 -16.11
CAJ 09L E . -29.21 -3.14 -7.19
CAK 09L E . -28.88 -2.08 -6.17
CAI 09L E . -27.79 -2.79 -6.91
CAL 09L E . -26.91 -3.74 -6.19
OAB 09L E . -27.39 -4.46 -5.32
NAE 09L E . -25.57 -3.77 -6.58
CAM 09L E . -25.03 -3.06 -7.77
CAO 09L E . -24.59 -4.03 -8.86
CAN 09L E . -24.64 -4.78 -6.05
CAP 09L E . -24.35 -5.83 -7.13
NAF 09L E . -23.81 -5.21 -8.35
CAQ 09L E . -22.50 -5.53 -8.70
OAC 09L E . -21.78 -6.24 -8.00
CAR 09L E . -21.91 -5.05 -9.98
CAS 09L E . -20.53 -4.83 -9.97
CAU 09L E . -22.63 -4.84 -11.17
FAA 09L E . -23.96 -5.10 -11.19
CAX 09L E . -21.99 -4.39 -12.33
CAW 09L E . -20.60 -4.21 -12.31
CAT 09L E . -19.86 -4.44 -11.14
CAV 09L E . -18.37 -4.30 -11.16
CAY 09L E . -17.86 -3.37 -10.10
CAZ 09L E . -16.46 -3.54 -9.58
CBB 09L E . -15.57 -4.51 -10.04
CBE 09L E . -14.29 -4.62 -9.48
CBF 09L E . -13.91 -3.74 -8.46
CBD 09L E . -14.77 -2.73 -8.03
CBA 09L E . -16.07 -2.63 -8.58
CBC 09L E . -17.00 -1.58 -8.14
OAD 09L E . -16.67 -0.76 -7.27
NAH 09L E . -18.25 -1.56 -8.77
NAG 09L E . -18.67 -2.44 -9.70
ZN ZN F . -4.44 -7.96 14.10
CAJ 09L G . 6.39 11.60 12.31
CAK 09L G . 7.72 11.20 12.86
CAI 09L G . 6.56 11.43 13.78
CAL 09L G . 6.50 12.57 14.73
OAB 09L G . 7.52 13.16 15.05
NAE 09L G . 5.23 12.86 15.24
CAM 09L G . 4.04 12.05 14.95
CAO 09L G . 2.99 12.93 14.34
CAN 09L G . 5.00 14.03 16.11
CAP 09L G . 3.84 14.90 15.62
NAF 09L G . 2.66 14.13 15.17
CAQ 09L G . 1.45 14.34 15.82
OAC 09L G . 1.35 14.86 16.93
CAR 09L G . 0.18 13.84 15.21
CAS 09L G . -0.92 13.69 16.08
CAU 09L G . 0.04 13.55 13.84
FAA 09L G . 1.07 13.71 12.98
CAX 09L G . -1.18 13.06 13.33
CAW 09L G . -2.24 12.90 14.23
CAT 09L G . -2.16 13.23 15.59
CAV 09L G . -3.38 13.04 16.44
CAY 09L G . -3.11 12.27 17.69
CAZ 09L G . -3.79 12.69 18.95
CBB 09L G . -4.72 13.74 19.02
CBE 09L G . -5.30 14.07 20.26
CBF 09L G . -4.95 13.40 21.43
CBD 09L G . -4.03 12.35 21.35
CBA 09L G . -3.47 11.97 20.12
CBC 09L G . -2.48 10.87 20.03
OAD 09L G . -2.17 10.22 21.02
NAH 09L G . -1.99 10.62 18.78
NAG 09L G . -2.27 11.29 17.64
ZN ZN H . 9.00 10.63 -19.35
CAJ 09L I . 7.88 -11.23 -11.42
CAK 09L I . 9.21 -10.61 -11.13
CAI 09L I . 8.82 -10.92 -12.54
CAL 09L I . 9.47 -12.02 -13.28
OAB 09L I . 9.98 -12.96 -12.67
NAE 09L I . 9.48 -11.92 -14.65
CAM 09L I . 8.81 -10.84 -15.39
CAO 09L I . 7.70 -11.40 -16.27
CAN 09L I . 9.97 -13.04 -15.47
CAP 09L I . 8.80 -13.67 -16.21
NAF 09L I . 8.10 -12.63 -17.00
CAQ 09L I . 8.15 -12.78 -18.36
OAC 09L I . 8.72 -13.72 -18.93
CAR 09L I . 7.38 -11.89 -19.27
CAS 09L I . 7.95 -11.65 -20.53
CAU 09L I . 6.07 -11.46 -18.99
FAA 09L I . 5.47 -11.73 -17.81
CAX 09L I . 5.39 -10.69 -19.93
CAW 09L I . 5.97 -10.42 -21.17
CAT 09L I . 7.24 -10.91 -21.48
CAV 09L I . 7.78 -10.65 -22.85
CAY 09L I . 9.15 -10.08 -22.88
CAZ 09L I . 9.98 -10.37 -24.08
CBB 09L I . 9.52 -11.14 -25.17
CBE 09L I . 10.38 -11.36 -26.26
CBF 09L I . 11.68 -10.85 -26.23
CBD 09L I . 12.13 -10.10 -25.15
CBA 09L I . 11.28 -9.85 -24.06
CBC 09L I . 11.73 -9.03 -22.90
OAD 09L I . 12.86 -8.55 -22.87
NAH 09L I . 10.81 -8.85 -21.89
NAG 09L I . 9.56 -9.36 -21.87
#